data_4XVL
#
_entry.id   4XVL
#
_cell.length_a   292.125
_cell.length_b   292.125
_cell.length_c   108.140
_cell.angle_alpha   90.00
_cell.angle_beta   90.00
_cell.angle_gamma   120.00
#
_symmetry.space_group_name_H-M   'H 3 2'
#
loop_
_entity.id
_entity.type
_entity.pdbx_description
1 polymer 'DNA polymerase nu'
2 polymer "DNA (5'-D(*GP*AP*TP*CP*TP*GP*AP*CP*GP*CP*TP*AP*CP*G)-3')"
3 polymer "DNA (5'-D(*TP*CP*GP*TP*AP*GP*CP*GP*TP*CP*A)-3')"
4 non-polymer '2-(N-MORPHOLINO)-ETHANESULFONIC ACID'
5 non-polymer 'SODIUM ION'
6 water water
#
loop_
_entity_poly.entity_id
_entity_poly.type
_entity_poly.pdbx_seq_one_letter_code
_entity_poly.pdbx_strand_id
1 'polypeptide(L)'
;KKHFCDIRHLDDWAKSQLIEMLKQAAALVITVMYTDGSTQLGADQTPVSSVRGIVVLVKRQAEGGHGCPDAPACGPVLEG
FVSDDPCIYIQIEHSAIWDQEQEAHQQFARNVLFQTMKCKCPVICFNAKDFVRIVLQFFGNDGSWKHVADFIGLDPRIAA
WLIDPSDATPSFEDLVEKYCEKSITVKVNSTYGNSSRNIVNQNVRENLKTLYRLTMDLCSKLKDYGLWQLFRTLELPLIP
ILAVMESHAIQVNKEEMEKTSALLGARLKELEQEAHFVAGERFLITSNNQLREILFGKLKLHLLSQRNSLPRTGLQKYPS
TSEAVLNALRDLHPLPKIILEYRQVHKIKSTFVDGLLACMKKGSISSTWNQTGTVTGRLSAKHPNIQGISKHPIQITTPK
NFKGKEDKILTISPRAMFVSSKGHTFLAADFSQIELRILTHLSGDPELLKLFQESERDDVFSTLTSQWKDVPVEQVTHAD
REQTKKVVYAVVYGAGKERLAACLGVPIQEAAQFLESFLQKYKKIKDFARAAIAQCHQTGCVVSIMGRRRPLPRIHAHDQ
QLRAQAERQAVNFVVQGSAADLCKLAMIHVFTAVAASHTLTARLVAQIHDELLFEVEDPQIPECAALVRRTMESLEQVQA
LELQLQVPLKVSLSAGRSWGHLVPLQ
;
A
2 'polydeoxyribonucleotide' (DG)(DA)(DT)(DC)(DT)(DG)(DA)(DC)(DG)(DC)(DT)(DA)(DC)(DG) P
3 'polydeoxyribonucleotide' (DC)(DG)(DT)(DA)(DG)(DC)(DG)(DT)(DC)(DA) T
#
loop_
_chem_comp.id
_chem_comp.type
_chem_comp.name
_chem_comp.formula
DA DNA linking 2'-DEOXYADENOSINE-5'-MONOPHOSPHATE 'C10 H14 N5 O6 P'
DC DNA linking 2'-DEOXYCYTIDINE-5'-MONOPHOSPHATE 'C9 H14 N3 O7 P'
DG DNA linking 2'-DEOXYGUANOSINE-5'-MONOPHOSPHATE 'C10 H14 N5 O7 P'
DT DNA linking THYMIDINE-5'-MONOPHOSPHATE 'C10 H15 N2 O8 P'
MES non-polymer '2-(N-MORPHOLINO)-ETHANESULFONIC ACID' 'C6 H13 N O4 S'
NA non-polymer 'SODIUM ION' 'Na 1'
#
# COMPACT_ATOMS: atom_id res chain seq x y z
N LYS A 1 30.49 -14.59 -22.34
CA LYS A 1 31.60 -15.50 -22.56
C LYS A 1 32.65 -15.32 -21.47
N LYS A 2 33.47 -14.28 -21.59
CA LYS A 2 34.38 -13.91 -20.51
C LYS A 2 33.70 -12.80 -19.71
N HIS A 3 32.54 -12.37 -20.20
CA HIS A 3 31.78 -11.32 -19.54
C HIS A 3 30.75 -11.91 -18.59
N PHE A 4 30.56 -13.23 -18.66
CA PHE A 4 29.55 -13.90 -17.86
C PHE A 4 30.17 -15.07 -17.11
N CYS A 5 30.11 -15.04 -15.78
CA CYS A 5 30.68 -16.13 -15.00
C CYS A 5 29.79 -16.60 -13.85
N ASP A 6 29.67 -17.92 -13.71
CA ASP A 6 28.97 -18.51 -12.58
C ASP A 6 29.95 -18.48 -11.41
N ILE A 7 29.58 -17.80 -10.33
CA ILE A 7 30.52 -17.58 -9.22
C ILE A 7 30.88 -18.86 -8.48
N ARG A 8 30.15 -19.94 -8.74
CA ARG A 8 30.44 -21.23 -8.11
C ARG A 8 31.68 -21.84 -8.71
N HIS A 9 31.94 -21.51 -9.97
CA HIS A 9 33.05 -22.12 -10.69
C HIS A 9 34.32 -21.28 -10.67
N LEU A 10 34.27 -20.14 -9.97
CA LEU A 10 35.46 -19.32 -9.78
C LEU A 10 36.44 -20.03 -8.83
N ASP A 11 37.74 -19.83 -9.05
CA ASP A 11 38.74 -20.29 -8.10
C ASP A 11 38.69 -19.37 -6.88
N ASP A 12 39.16 -19.84 -5.73
CA ASP A 12 38.99 -19.10 -4.48
C ASP A 12 39.64 -17.72 -4.49
N TRP A 13 40.82 -17.61 -5.07
CA TRP A 13 41.49 -16.31 -5.17
C TRP A 13 40.63 -15.37 -6.02
N ALA A 14 39.99 -15.94 -7.04
CA ALA A 14 39.06 -15.18 -7.87
C ALA A 14 37.83 -14.76 -7.08
N LYS A 15 37.39 -15.61 -6.15
CA LYS A 15 36.23 -15.30 -5.31
C LYS A 15 36.53 -14.10 -4.42
N SER A 16 37.70 -14.12 -3.79
CA SER A 16 38.12 -13.02 -2.94
C SER A 16 38.24 -11.73 -3.77
N GLN A 17 38.90 -11.85 -4.91
CA GLN A 17 39.01 -10.72 -5.85
C GLN A 17 37.63 -10.17 -6.20
N LEU A 18 36.66 -11.07 -6.35
CA LEU A 18 35.29 -10.69 -6.70
C LEU A 18 34.64 -9.88 -5.58
N ILE A 19 34.78 -10.37 -4.34
CA ILE A 19 34.29 -9.62 -3.19
C ILE A 19 34.87 -8.21 -3.19
N GLU A 20 36.19 -8.11 -3.37
CA GLU A 20 36.82 -6.80 -3.38
C GLU A 20 36.31 -5.91 -4.51
N MET A 21 36.07 -6.52 -5.69
CA MET A 21 35.51 -5.80 -6.83
C MET A 21 34.16 -5.21 -6.48
N LEU A 22 33.34 -6.03 -5.81
CA LEU A 22 32.02 -5.57 -5.39
C LEU A 22 32.14 -4.39 -4.43
N LYS A 23 33.12 -4.46 -3.53
CA LYS A 23 33.33 -3.37 -2.58
C LYS A 23 33.76 -2.08 -3.28
N GLN A 24 34.63 -2.20 -4.28
CA GLN A 24 35.18 -1.02 -4.95
C GLN A 24 34.41 -0.62 -6.20
N ALA A 25 33.29 -1.30 -6.47
CA ALA A 25 32.51 -1.05 -7.68
C ALA A 25 31.93 0.36 -7.73
N ALA A 26 31.78 0.89 -8.94
CA ALA A 26 31.18 2.21 -9.15
C ALA A 26 29.67 2.13 -9.08
N ALA A 27 29.13 1.07 -9.67
CA ALA A 27 27.69 0.82 -9.64
C ALA A 27 27.42 -0.67 -9.79
N LEU A 28 26.26 -1.11 -9.33
CA LEU A 28 25.83 -2.48 -9.54
C LEU A 28 24.50 -2.50 -10.27
N VAL A 29 24.43 -3.19 -11.41
CA VAL A 29 23.18 -3.31 -12.13
C VAL A 29 22.67 -4.75 -12.01
N ILE A 30 21.46 -4.90 -11.49
CA ILE A 30 20.92 -6.20 -11.12
C ILE A 30 19.59 -6.50 -11.78
N THR A 31 19.40 -7.75 -12.20
CA THR A 31 18.09 -8.23 -12.63
C THR A 31 17.94 -9.69 -12.24
N VAL A 32 16.71 -10.13 -12.09
CA VAL A 32 16.43 -11.52 -11.72
C VAL A 32 16.18 -12.35 -12.97
N MET A 33 16.90 -13.46 -13.10
CA MET A 33 16.67 -14.38 -14.22
C MET A 33 15.82 -15.57 -13.78
N TYR A 34 14.78 -15.85 -14.54
CA TYR A 34 13.88 -16.97 -14.23
C TYR A 34 14.35 -18.21 -14.97
N THR A 35 13.59 -19.29 -14.86
CA THR A 35 14.01 -20.56 -15.48
C THR A 35 13.79 -20.60 -16.99
N ASP A 36 13.12 -19.58 -17.53
CA ASP A 36 12.81 -19.50 -18.97
C ASP A 36 13.97 -19.64 -19.98
N GLY A 37 15.15 -19.06 -19.70
CA GLY A 37 15.36 -17.98 -18.78
C GLY A 37 14.91 -16.62 -19.29
N SER A 38 14.04 -15.97 -18.54
CA SER A 38 13.62 -14.62 -18.88
C SER A 38 14.02 -13.74 -17.71
N THR A 39 13.80 -12.45 -17.82
CA THR A 39 14.17 -11.52 -16.76
C THR A 39 13.02 -10.62 -16.39
N GLN A 40 13.27 -9.71 -15.47
CA GLN A 40 12.30 -8.67 -15.15
C GLN A 40 12.26 -7.67 -16.29
N LEU A 41 13.26 -7.72 -17.15
CA LEU A 41 13.36 -6.78 -18.26
C LEU A 41 12.47 -7.17 -19.43
N GLY A 42 12.10 -8.45 -19.50
CA GLY A 42 11.17 -8.92 -20.50
C GLY A 42 9.78 -8.41 -20.18
N ALA A 43 8.78 -8.78 -20.98
CA ALA A 43 7.43 -8.33 -20.66
C ALA A 43 6.60 -9.48 -20.11
N ASP A 44 6.42 -9.47 -18.80
CA ASP A 44 5.41 -10.25 -18.10
C ASP A 44 5.19 -9.57 -16.76
N GLN A 45 3.97 -9.57 -16.24
CA GLN A 45 3.76 -9.17 -14.85
C GLN A 45 4.07 -10.36 -13.94
N THR A 46 3.55 -11.50 -14.39
CA THR A 46 3.88 -12.78 -13.85
C THR A 46 4.63 -13.52 -14.90
N PRO A 47 5.86 -13.90 -14.55
CA PRO A 47 6.73 -14.61 -15.49
C PRO A 47 6.36 -16.09 -15.64
N VAL A 48 5.33 -16.51 -14.93
CA VAL A 48 4.87 -17.90 -14.99
C VAL A 48 6.03 -18.88 -14.94
N SER A 49 6.91 -18.70 -13.96
CA SER A 49 8.07 -19.57 -13.80
C SER A 49 8.81 -19.23 -12.51
N SER A 50 9.65 -20.14 -12.05
CA SER A 50 10.40 -19.93 -10.81
C SER A 50 11.65 -19.07 -11.03
N VAL A 51 12.09 -18.40 -9.98
CA VAL A 51 13.37 -17.71 -10.00
C VAL A 51 14.50 -18.71 -10.12
N ARG A 52 15.38 -18.50 -11.10
CA ARG A 52 16.53 -19.38 -11.28
C ARG A 52 17.79 -18.84 -10.62
N GLY A 53 18.17 -17.62 -11.01
CA GLY A 53 19.34 -16.98 -10.44
C GLY A 53 19.28 -15.46 -10.52
N ILE A 54 20.35 -14.81 -10.10
CA ILE A 54 20.44 -13.35 -10.15
C ILE A 54 21.68 -12.92 -10.92
N VAL A 55 21.51 -12.02 -11.88
CA VAL A 55 22.64 -11.54 -12.66
C VAL A 55 23.04 -10.13 -12.19
N VAL A 56 24.32 -9.95 -11.91
CA VAL A 56 24.80 -8.64 -11.49
C VAL A 56 25.90 -8.13 -12.40
N LEU A 57 25.72 -6.92 -12.93
CA LEU A 57 26.74 -6.25 -13.72
C LEU A 57 27.55 -5.36 -12.79
N VAL A 58 28.86 -5.58 -12.75
CA VAL A 58 29.71 -4.81 -11.86
C VAL A 58 30.47 -3.76 -12.65
N LYS A 59 30.08 -2.49 -12.48
CA LYS A 59 30.70 -1.39 -13.19
C LYS A 59 31.88 -0.78 -12.45
N ARG A 60 33.05 -0.76 -13.10
CA ARG A 60 34.21 -0.09 -12.52
C ARG A 60 34.28 1.48 -12.65
N GLN A 61 33.42 1.93 -13.56
CA GLN A 61 33.21 3.36 -13.77
C GLN A 61 31.76 3.82 -13.94
N ALA A 62 31.52 5.11 -13.67
CA ALA A 62 30.18 5.68 -13.77
C ALA A 62 30.11 6.78 -14.83
N CYS A 74 39.01 4.85 -13.20
CA CYS A 74 40.14 5.72 -13.46
C CYS A 74 41.41 4.92 -13.74
N GLY A 75 41.71 4.72 -15.02
CA GLY A 75 42.88 3.95 -15.42
C GLY A 75 42.53 2.55 -15.89
N PRO A 76 43.52 1.83 -16.45
CA PRO A 76 43.30 0.47 -16.95
C PRO A 76 43.24 -0.55 -15.82
N VAL A 77 42.49 -1.64 -16.03
CA VAL A 77 42.36 -2.71 -15.05
C VAL A 77 42.42 -4.08 -15.71
N LEU A 78 43.29 -4.95 -15.22
CA LEU A 78 43.28 -6.35 -15.66
C LEU A 78 43.21 -7.28 -14.44
N GLU A 79 42.06 -7.91 -14.26
CA GLU A 79 41.87 -8.88 -13.20
C GLU A 79 42.39 -10.24 -13.66
N GLY A 80 42.09 -10.56 -14.91
CA GLY A 80 42.58 -11.77 -15.54
C GLY A 80 41.63 -12.96 -15.43
N PHE A 81 40.80 -12.96 -14.40
CA PHE A 81 39.79 -14.02 -14.26
C PHE A 81 38.45 -13.62 -14.86
N VAL A 82 38.32 -12.34 -15.21
CA VAL A 82 37.11 -11.79 -15.83
C VAL A 82 37.48 -10.65 -16.76
N SER A 83 36.55 -10.27 -17.63
CA SER A 83 36.70 -9.07 -18.45
C SER A 83 36.14 -7.87 -17.71
N ASP A 84 35.99 -6.76 -18.42
CA ASP A 84 35.45 -5.54 -17.83
C ASP A 84 34.47 -4.89 -18.80
N ASP A 85 33.25 -4.59 -18.35
CA ASP A 85 32.76 -4.90 -17.00
C ASP A 85 32.03 -6.23 -16.97
N PRO A 86 32.35 -7.09 -15.99
CA PRO A 86 31.85 -8.46 -15.93
C PRO A 86 30.41 -8.61 -15.42
N CYS A 87 29.74 -9.65 -15.88
CA CYS A 87 28.46 -10.07 -15.29
C CYS A 87 28.66 -11.35 -14.48
N ILE A 88 28.26 -11.30 -13.22
CA ILE A 88 28.32 -12.49 -12.38
C ILE A 88 26.94 -13.08 -12.17
N TYR A 89 26.89 -14.41 -12.12
CA TYR A 89 25.62 -15.12 -11.98
C TYR A 89 25.54 -15.86 -10.64
N ILE A 90 24.48 -15.60 -9.89
CA ILE A 90 24.29 -16.21 -8.58
C ILE A 90 23.08 -17.13 -8.55
N GLN A 91 23.31 -18.44 -8.50
CA GLN A 91 22.24 -19.42 -8.48
C GLN A 91 21.38 -19.32 -7.22
N ILE A 92 20.07 -19.25 -7.42
CA ILE A 92 19.10 -19.23 -6.34
C ILE A 92 18.44 -20.60 -6.20
N GLU A 93 17.79 -21.04 -7.28
CA GLU A 93 17.01 -22.27 -7.31
C GLU A 93 17.75 -23.47 -6.75
N HIS A 94 17.08 -24.23 -5.89
CA HIS A 94 17.68 -25.37 -5.21
C HIS A 94 17.96 -26.53 -6.16
N SER A 95 19.00 -27.29 -5.87
CA SER A 95 19.33 -28.46 -6.68
C SER A 95 18.39 -29.60 -6.34
N ALA A 96 18.55 -30.73 -7.04
CA ALA A 96 17.67 -31.87 -6.83
C ALA A 96 17.99 -32.58 -5.51
N ILE A 97 19.28 -32.67 -5.20
CA ILE A 97 19.73 -33.31 -3.98
C ILE A 97 20.54 -32.33 -3.13
N TRP A 98 20.18 -32.21 -1.86
CA TRP A 98 20.95 -31.37 -0.96
C TRP A 98 22.15 -32.11 -0.38
N ASP A 99 23.32 -31.50 -0.50
CA ASP A 99 24.54 -32.03 0.10
C ASP A 99 25.50 -30.90 0.50
N GLN A 100 26.70 -31.26 0.92
CA GLN A 100 27.62 -30.30 1.51
C GLN A 100 28.09 -29.24 0.52
N GLU A 101 28.28 -29.65 -0.74
CA GLU A 101 28.72 -28.72 -1.78
C GLU A 101 27.67 -27.62 -1.99
N GLN A 102 26.40 -28.01 -1.94
CA GLN A 102 25.32 -27.05 -2.02
C GLN A 102 25.39 -26.06 -0.86
N GLU A 103 25.73 -26.58 0.32
CA GLU A 103 25.92 -25.73 1.50
C GLU A 103 27.02 -24.70 1.25
N ALA A 104 28.16 -25.16 0.72
CA ALA A 104 29.28 -24.27 0.43
C ALA A 104 28.91 -23.17 -0.58
N HIS A 105 28.36 -23.62 -1.71
CA HIS A 105 27.87 -22.73 -2.75
C HIS A 105 26.96 -21.67 -2.13
N GLN A 106 26.04 -22.14 -1.30
CA GLN A 106 25.09 -21.27 -0.62
C GLN A 106 25.82 -20.25 0.26
N GLN A 107 26.91 -20.69 0.89
CA GLN A 107 27.67 -19.81 1.77
C GLN A 107 28.28 -18.65 0.99
N PHE A 108 29.01 -18.98 -0.08
CA PHE A 108 29.64 -17.91 -0.86
C PHE A 108 28.60 -17.02 -1.53
N ALA A 109 27.51 -17.64 -2.00
CA ALA A 109 26.39 -16.91 -2.59
C ALA A 109 25.82 -15.88 -1.62
N ARG A 110 25.58 -16.32 -0.38
CA ARG A 110 25.05 -15.45 0.66
C ARG A 110 26.01 -14.31 0.93
N ASN A 111 27.29 -14.62 1.03
CA ASN A 111 28.30 -13.57 1.21
C ASN A 111 28.22 -12.51 0.10
N VAL A 112 28.19 -12.97 -1.15
CA VAL A 112 28.12 -12.06 -2.30
C VAL A 112 26.85 -11.19 -2.33
N LEU A 113 25.71 -11.83 -2.12
CA LEU A 113 24.43 -11.12 -2.11
C LEU A 113 24.37 -10.09 -0.99
N PHE A 114 24.91 -10.44 0.18
CA PHE A 114 24.96 -9.47 1.26
C PHE A 114 25.87 -8.31 0.88
N GLN A 115 27.00 -8.62 0.26
CA GLN A 115 27.90 -7.58 -0.24
C GLN A 115 27.15 -6.63 -1.16
N THR A 116 26.25 -7.18 -1.95
CA THR A 116 25.37 -6.39 -2.81
C THR A 116 24.42 -5.50 -1.98
N MET A 117 23.88 -6.07 -0.91
CA MET A 117 22.97 -5.34 -0.02
C MET A 117 23.62 -4.15 0.69
N LYS A 118 24.85 -4.33 1.18
CA LYS A 118 25.51 -3.30 1.99
C LYS A 118 26.48 -2.38 1.25
N CYS A 119 26.67 -2.59 -0.06
CA CYS A 119 27.70 -1.84 -0.79
C CYS A 119 27.37 -0.35 -0.85
N LYS A 120 28.41 0.46 -1.03
CA LYS A 120 28.26 1.91 -0.97
C LYS A 120 27.94 2.54 -2.33
N CYS A 121 27.99 1.74 -3.38
CA CYS A 121 27.74 2.23 -4.73
C CYS A 121 26.25 2.16 -5.07
N PRO A 122 25.82 2.96 -6.06
CA PRO A 122 24.44 2.90 -6.55
C PRO A 122 24.07 1.49 -7.03
N VAL A 123 22.91 1.00 -6.59
CA VAL A 123 22.40 -0.28 -7.06
C VAL A 123 21.12 -0.07 -7.84
N ILE A 124 21.14 -0.48 -9.10
CA ILE A 124 19.99 -0.31 -9.99
C ILE A 124 19.32 -1.65 -10.26
N CYS A 125 18.04 -1.76 -9.90
CA CYS A 125 17.28 -2.98 -10.15
C CYS A 125 15.93 -2.60 -10.72
N PHE A 126 15.48 -3.30 -11.76
CA PHE A 126 14.21 -2.95 -12.39
C PHE A 126 13.03 -3.07 -11.44
N ASN A 127 12.83 -4.24 -10.87
CA ASN A 127 11.90 -4.35 -9.75
C ASN A 127 12.67 -4.71 -8.50
N ALA A 128 12.85 -3.73 -7.62
CA ALA A 128 13.75 -3.89 -6.50
C ALA A 128 13.13 -4.70 -5.37
N LYS A 129 11.83 -4.51 -5.12
CA LYS A 129 11.14 -5.25 -4.08
C LYS A 129 11.25 -6.75 -4.31
N ASP A 130 11.09 -7.17 -5.56
CA ASP A 130 11.24 -8.58 -5.92
C ASP A 130 12.62 -9.11 -5.58
N PHE A 131 13.65 -8.39 -6.03
CA PHE A 131 15.03 -8.74 -5.76
C PHE A 131 15.30 -8.86 -4.26
N VAL A 132 14.95 -7.82 -3.50
CA VAL A 132 15.16 -7.80 -2.05
C VAL A 132 14.43 -8.95 -1.35
N ARG A 133 13.22 -9.26 -1.81
CA ARG A 133 12.45 -10.36 -1.25
C ARG A 133 13.16 -11.70 -1.51
N ILE A 134 13.53 -11.93 -2.77
CA ILE A 134 14.27 -13.12 -3.15
C ILE A 134 15.51 -13.31 -2.29
N VAL A 135 16.32 -12.25 -2.18
CA VAL A 135 17.53 -12.29 -1.38
C VAL A 135 17.24 -12.59 0.08
N LEU A 136 16.25 -11.90 0.64
CA LEU A 136 15.87 -12.05 2.03
C LEU A 136 15.45 -13.48 2.35
N GLN A 137 14.71 -14.10 1.44
CA GLN A 137 14.31 -15.49 1.62
C GLN A 137 15.50 -16.43 1.40
N PHE A 138 16.46 -15.99 0.58
CA PHE A 138 17.63 -16.80 0.26
C PHE A 138 18.59 -16.88 1.44
N PHE A 139 18.64 -15.80 2.22
CA PHE A 139 19.42 -15.80 3.45
C PHE A 139 18.86 -16.83 4.40
N GLY A 140 17.55 -16.80 4.61
CA GLY A 140 16.91 -17.74 5.49
C GLY A 140 17.36 -17.54 6.93
N ASN A 141 17.89 -18.60 7.53
CA ASN A 141 18.35 -18.55 8.91
C ASN A 141 19.60 -17.74 9.26
N ASP A 142 20.42 -17.54 8.23
CA ASP A 142 21.70 -16.85 8.25
C ASP A 142 21.58 -15.36 8.40
N GLY A 143 20.38 -14.87 8.31
CA GLY A 143 20.08 -13.46 8.23
C GLY A 143 18.68 -13.10 8.73
N SER A 144 18.54 -11.88 9.21
CA SER A 144 17.24 -11.37 9.63
C SER A 144 16.81 -10.26 8.68
N TRP A 145 15.67 -9.66 8.95
CA TRP A 145 15.15 -8.60 8.10
C TRP A 145 15.97 -7.32 8.21
N LYS A 146 16.78 -7.22 9.26
CA LYS A 146 17.55 -5.99 9.52
C LYS A 146 18.75 -5.84 8.60
N HIS A 147 19.07 -6.90 7.85
CA HIS A 147 20.21 -6.89 6.95
C HIS A 147 19.89 -6.13 5.66
N VAL A 148 18.62 -6.17 5.26
CA VAL A 148 18.18 -5.49 4.06
C VAL A 148 17.63 -4.10 4.37
N ALA A 149 17.59 -3.75 5.65
CA ALA A 149 16.97 -2.52 6.11
C ALA A 149 17.54 -1.26 5.46
N ASP A 150 18.83 -1.24 5.26
CA ASP A 150 19.52 -0.05 4.76
C ASP A 150 19.68 -0.04 3.24
N PHE A 151 19.16 -1.06 2.57
CA PHE A 151 19.32 -1.19 1.12
C PHE A 151 18.60 -0.07 0.38
N ILE A 152 19.29 0.51 -0.59
CA ILE A 152 18.65 1.47 -1.48
C ILE A 152 18.89 1.05 -2.92
N GLY A 153 17.83 0.58 -3.57
CA GLY A 153 17.90 0.27 -4.99
C GLY A 153 17.37 1.42 -5.80
N LEU A 154 17.84 1.57 -7.03
CA LEU A 154 17.32 2.61 -7.88
C LEU A 154 16.34 1.95 -8.84
N ASP A 155 15.05 2.19 -8.61
CA ASP A 155 14.01 1.51 -9.36
C ASP A 155 13.41 2.47 -10.37
N PRO A 156 13.72 2.25 -11.66
CA PRO A 156 13.25 3.13 -12.72
C PRO A 156 11.73 3.14 -12.84
N ARG A 157 11.09 2.03 -12.46
CA ARG A 157 9.64 1.95 -12.50
C ARG A 157 9.00 2.90 -11.48
N ILE A 158 9.61 3.01 -10.30
CA ILE A 158 9.12 3.93 -9.28
C ILE A 158 9.34 5.38 -9.71
N ALA A 159 10.43 5.62 -10.44
CA ALA A 159 10.72 6.94 -10.99
C ALA A 159 9.64 7.34 -11.99
N ALA A 160 9.43 6.49 -12.98
CA ALA A 160 8.43 6.73 -14.01
C ALA A 160 7.04 6.90 -13.39
N TRP A 161 6.79 6.15 -12.34
CA TRP A 161 5.54 6.28 -11.60
C TRP A 161 5.42 7.67 -10.98
N LEU A 162 6.49 8.12 -10.31
CA LEU A 162 6.48 9.44 -9.69
C LEU A 162 6.24 10.55 -10.71
N ILE A 163 6.78 10.37 -11.91
CA ILE A 163 6.53 11.33 -12.98
C ILE A 163 5.08 11.24 -13.50
N ASP A 164 4.65 10.05 -13.89
CA ASP A 164 3.29 9.85 -14.43
C ASP A 164 2.52 8.77 -13.67
N PRO A 165 1.97 9.11 -12.50
CA PRO A 165 1.30 8.13 -11.62
C PRO A 165 0.04 7.51 -12.22
N SER A 166 -0.52 8.15 -13.23
CA SER A 166 -1.78 7.69 -13.82
C SER A 166 -1.58 6.48 -14.74
N ASP A 167 -0.54 6.55 -15.57
CA ASP A 167 -0.28 5.52 -16.57
C ASP A 167 -0.14 4.13 -15.96
N ALA A 168 -0.62 3.12 -16.68
CA ALA A 168 -0.53 1.74 -16.23
C ALA A 168 0.94 1.36 -16.16
N THR A 169 1.28 0.41 -15.29
CA THR A 169 2.67 0.07 -15.04
C THR A 169 3.32 -0.46 -16.32
N PRO A 170 4.27 0.31 -16.87
CA PRO A 170 4.91 0.02 -18.16
C PRO A 170 5.95 -1.09 -18.05
N SER A 171 6.34 -1.66 -19.19
CA SER A 171 7.42 -2.63 -19.21
C SER A 171 8.75 -1.90 -19.20
N PHE A 172 9.84 -2.65 -19.17
CA PHE A 172 11.18 -2.07 -19.25
C PHE A 172 11.37 -1.46 -20.63
N GLU A 173 10.91 -2.19 -21.65
CA GLU A 173 11.04 -1.77 -23.03
C GLU A 173 10.29 -0.47 -23.30
N ASP A 174 9.10 -0.35 -22.72
CA ASP A 174 8.31 0.87 -22.83
C ASP A 174 9.07 2.06 -22.25
N LEU A 175 9.62 1.86 -21.06
CA LEU A 175 10.41 2.89 -20.39
C LEU A 175 11.62 3.30 -21.22
N VAL A 176 12.22 2.32 -21.90
CA VAL A 176 13.33 2.60 -22.80
C VAL A 176 12.87 3.47 -23.98
N GLU A 177 11.79 3.05 -24.63
CA GLU A 177 11.28 3.78 -25.78
C GLU A 177 10.79 5.18 -25.41
N LYS A 178 10.46 5.38 -24.14
CA LYS A 178 9.94 6.67 -23.68
C LYS A 178 10.98 7.64 -23.13
N TYR A 179 11.71 7.23 -22.10
CA TYR A 179 12.61 8.12 -21.38
C TYR A 179 14.05 8.02 -21.86
N CYS A 180 14.30 7.11 -22.77
CA CYS A 180 15.64 6.88 -23.24
C CYS A 180 15.90 7.41 -24.62
N GLU A 181 16.95 8.19 -24.75
CA GLU A 181 17.22 8.82 -26.04
C GLU A 181 18.63 8.50 -26.55
N LYS A 182 18.71 8.08 -27.81
CA LYS A 182 17.54 7.81 -28.64
C LYS A 182 17.83 6.60 -29.51
N SER A 183 16.78 6.02 -30.09
CA SER A 183 16.90 4.89 -31.00
C SER A 183 17.64 3.72 -30.35
N ILE A 184 17.38 3.50 -29.07
CA ILE A 184 17.94 2.37 -28.36
C ILE A 184 16.95 1.21 -28.45
N THR A 185 17.32 0.18 -29.19
CA THR A 185 16.47 -0.98 -29.33
C THR A 185 17.00 -2.13 -28.48
N VAL A 186 16.12 -2.76 -27.73
CA VAL A 186 16.51 -3.85 -26.85
C VAL A 186 15.73 -5.12 -27.18
N LYS A 187 16.36 -6.28 -27.02
CA LYS A 187 15.64 -7.53 -27.14
C LYS A 187 15.56 -8.17 -25.76
N VAL A 188 14.38 -8.07 -25.15
CA VAL A 188 14.14 -8.59 -23.82
C VAL A 188 13.39 -9.92 -23.81
N ASN A 189 13.01 -10.38 -25.00
CA ASN A 189 12.06 -11.49 -25.12
C ASN A 189 12.69 -12.87 -25.29
N SER A 190 14.02 -12.94 -25.30
CA SER A 190 14.72 -14.20 -25.48
C SER A 190 14.49 -15.17 -24.31
N THR A 191 14.34 -16.44 -24.63
CA THR A 191 14.23 -17.52 -23.64
C THR A 191 15.02 -18.71 -24.14
N TYR A 192 15.23 -19.70 -23.28
CA TYR A 192 15.76 -20.97 -23.76
C TYR A 192 14.66 -21.60 -24.62
N GLY A 193 15.02 -21.99 -25.84
CA GLY A 193 14.07 -22.67 -26.72
C GLY A 193 13.45 -21.80 -27.79
N ASN A 194 13.38 -20.49 -27.57
CA ASN A 194 13.13 -19.56 -28.66
C ASN A 194 14.49 -19.05 -29.15
N SER A 195 15.50 -19.29 -28.35
CA SER A 195 16.87 -18.87 -28.60
C SER A 195 17.82 -19.74 -27.78
N SER A 196 19.11 -19.42 -27.81
CA SER A 196 20.10 -20.18 -27.05
C SER A 196 20.54 -19.51 -25.75
N ARG A 197 21.42 -20.18 -25.00
CA ARG A 197 21.93 -19.62 -23.76
C ARG A 197 22.74 -18.36 -24.05
N ASN A 198 23.54 -18.42 -25.10
CA ASN A 198 24.42 -17.31 -25.43
C ASN A 198 23.65 -16.06 -25.81
N ILE A 199 22.56 -16.25 -26.56
CA ILE A 199 21.68 -15.15 -26.91
C ILE A 199 21.05 -14.53 -25.66
N VAL A 200 20.46 -15.39 -24.82
CA VAL A 200 19.86 -14.97 -23.56
C VAL A 200 20.83 -14.14 -22.72
N ASN A 201 22.03 -14.68 -22.49
CA ASN A 201 23.03 -14.03 -21.66
C ASN A 201 23.56 -12.72 -22.25
N GLN A 202 23.88 -12.75 -23.54
CA GLN A 202 24.34 -11.55 -24.25
C GLN A 202 23.33 -10.42 -24.12
N ASN A 203 22.09 -10.73 -24.44
CA ASN A 203 20.99 -9.78 -24.28
C ASN A 203 20.83 -9.31 -22.84
N VAL A 204 21.06 -10.20 -21.88
CA VAL A 204 21.01 -9.80 -20.48
C VAL A 204 22.04 -8.72 -20.17
N ARG A 205 23.26 -8.93 -20.62
CA ARG A 205 24.33 -7.96 -20.40
C ARG A 205 24.02 -6.59 -21.05
N GLU A 206 23.71 -6.63 -22.34
CA GLU A 206 23.37 -5.41 -23.07
C GLU A 206 22.22 -4.67 -22.41
N ASN A 207 21.17 -5.40 -22.08
CA ASN A 207 19.99 -4.81 -21.46
C ASN A 207 20.25 -4.31 -20.04
N LEU A 208 21.28 -4.84 -19.39
CA LEU A 208 21.66 -4.33 -18.07
C LEU A 208 22.36 -2.99 -18.22
N LYS A 209 23.21 -2.88 -19.24
CA LYS A 209 23.79 -1.58 -19.57
C LYS A 209 22.69 -0.56 -19.87
N THR A 210 21.78 -0.94 -20.76
CA THR A 210 20.65 -0.08 -21.12
C THR A 210 19.84 0.30 -19.88
N LEU A 211 19.67 -0.65 -18.97
CA LEU A 211 18.94 -0.42 -17.73
C LEU A 211 19.63 0.65 -16.89
N TYR A 212 20.95 0.58 -16.82
CA TYR A 212 21.69 1.63 -16.12
C TYR A 212 21.45 2.99 -16.76
N ARG A 213 21.60 3.05 -18.07
CA ARG A 213 21.40 4.30 -18.81
C ARG A 213 20.03 4.90 -18.53
N LEU A 214 18.99 4.09 -18.73
CA LEU A 214 17.62 4.47 -18.46
C LEU A 214 17.43 4.99 -17.05
N THR A 215 17.99 4.28 -16.08
CA THR A 215 17.82 4.68 -14.69
C THR A 215 18.46 6.04 -14.43
N MET A 216 19.62 6.27 -15.02
CA MET A 216 20.28 7.57 -14.89
C MET A 216 19.44 8.69 -15.50
N ASP A 217 18.96 8.47 -16.73
CA ASP A 217 18.09 9.44 -17.38
C ASP A 217 16.85 9.76 -16.54
N LEU A 218 16.24 8.73 -15.97
CA LEU A 218 15.06 8.90 -15.14
C LEU A 218 15.37 9.66 -13.87
N CYS A 219 16.56 9.45 -13.32
CA CYS A 219 16.99 10.24 -12.16
C CYS A 219 17.09 11.72 -12.54
N SER A 220 17.69 11.98 -13.70
CA SER A 220 17.79 13.34 -14.21
C SER A 220 16.41 13.99 -14.33
N LYS A 221 15.48 13.28 -14.97
CA LYS A 221 14.11 13.75 -15.09
C LYS A 221 13.48 14.03 -13.73
N LEU A 222 13.70 13.13 -12.77
CA LEU A 222 13.16 13.32 -11.42
C LEU A 222 13.69 14.60 -10.80
N LYS A 223 14.95 14.92 -11.08
CA LYS A 223 15.53 16.16 -10.60
C LYS A 223 14.90 17.36 -11.30
N ASP A 224 14.59 17.21 -12.59
CA ASP A 224 13.95 18.28 -13.36
C ASP A 224 12.54 18.61 -12.87
N TYR A 225 11.76 17.58 -12.56
CA TYR A 225 10.38 17.76 -12.11
C TYR A 225 10.30 18.06 -10.61
N GLY A 226 11.46 18.07 -9.95
CA GLY A 226 11.50 18.32 -8.51
C GLY A 226 10.93 17.17 -7.70
N LEU A 227 11.03 15.96 -8.23
CA LEU A 227 10.59 14.77 -7.52
C LEU A 227 11.71 14.01 -6.84
N TRP A 228 12.95 14.46 -7.02
CA TRP A 228 14.12 13.69 -6.59
C TRP A 228 14.23 13.45 -5.08
N GLN A 229 13.91 14.46 -4.27
CA GLN A 229 14.03 14.32 -2.83
C GLN A 229 12.94 13.37 -2.32
N LEU A 230 11.78 13.44 -2.94
CA LEU A 230 10.68 12.53 -2.65
C LEU A 230 11.10 11.10 -2.96
N PHE A 231 11.69 10.92 -4.14
CA PHE A 231 12.16 9.62 -4.62
C PHE A 231 13.20 9.03 -3.67
N ARG A 232 14.23 9.76 -3.36
CA ARG A 232 15.26 9.22 -2.53
C ARG A 232 14.82 8.93 -1.15
N THR A 233 14.03 9.80 -0.58
CA THR A 233 13.74 9.70 0.84
C THR A 233 12.47 9.03 1.21
N LEU A 234 11.43 9.11 0.39
CA LEU A 234 10.21 8.39 0.69
C LEU A 234 9.97 7.09 0.01
N GLU A 235 10.04 7.08 -1.30
CA GLU A 235 9.76 5.87 -2.03
C GLU A 235 10.84 4.85 -1.96
N LEU A 236 12.08 5.24 -2.15
CA LEU A 236 13.17 4.28 -2.19
C LEU A 236 13.48 3.49 -0.94
N PRO A 237 13.52 4.11 0.21
CA PRO A 237 13.73 3.40 1.48
C PRO A 237 12.56 2.51 1.87
N LEU A 238 11.42 2.71 1.22
CA LEU A 238 10.24 1.90 1.49
C LEU A 238 10.35 0.52 0.83
N ILE A 239 11.15 0.45 -0.24
CA ILE A 239 11.34 -0.80 -0.97
C ILE A 239 11.70 -2.02 -0.12
N PRO A 240 12.76 -1.94 0.71
CA PRO A 240 13.06 -3.13 1.52
C PRO A 240 11.96 -3.43 2.55
N ILE A 241 11.22 -2.41 2.95
CA ILE A 241 10.17 -2.58 3.96
C ILE A 241 9.00 -3.42 3.44
N LEU A 242 8.63 -3.25 2.18
CA LEU A 242 7.58 -4.05 1.56
C LEU A 242 8.06 -5.49 1.40
N ALA A 243 9.34 -5.65 1.07
CA ALA A 243 9.92 -6.98 0.90
C ALA A 243 9.90 -7.78 2.19
N VAL A 244 10.12 -7.10 3.32
CA VAL A 244 10.07 -7.77 4.61
C VAL A 244 8.63 -8.23 4.92
N MET A 245 7.66 -7.36 4.68
CA MET A 245 6.27 -7.67 4.94
C MET A 245 5.76 -8.83 4.08
N GLU A 246 6.29 -8.96 2.87
CA GLU A 246 5.92 -10.05 1.98
C GLU A 246 6.61 -11.35 2.37
N SER A 247 7.72 -11.21 3.10
CA SER A 247 8.48 -12.39 3.55
C SER A 247 7.88 -13.01 4.80
N HIS A 248 7.12 -12.22 5.55
CA HIS A 248 6.49 -12.70 6.77
C HIS A 248 5.11 -13.24 6.43
N ALA A 249 4.42 -13.79 7.43
CA ALA A 249 3.08 -14.30 7.24
C ALA A 249 2.28 -14.14 8.51
N ILE A 250 0.99 -13.83 8.38
CA ILE A 250 0.13 -13.63 9.53
C ILE A 250 -0.77 -14.85 9.73
N GLN A 251 -0.75 -15.41 10.93
CA GLN A 251 -1.46 -16.65 11.19
C GLN A 251 -2.96 -16.43 11.35
N VAL A 252 -3.76 -17.34 10.78
CA VAL A 252 -5.21 -17.24 10.84
C VAL A 252 -5.82 -18.57 11.28
N ASN A 253 -7.11 -18.55 11.65
CA ASN A 253 -7.78 -19.77 12.12
C ASN A 253 -8.64 -20.38 11.01
N LYS A 254 -8.20 -21.52 10.49
CA LYS A 254 -8.92 -22.16 9.38
C LYS A 254 -10.25 -22.73 9.86
N GLU A 255 -10.24 -23.33 11.04
CA GLU A 255 -11.42 -23.98 11.61
C GLU A 255 -12.57 -23.01 11.90
N GLU A 256 -12.28 -21.95 12.65
CA GLU A 256 -13.27 -20.95 13.02
C GLU A 256 -13.84 -20.28 11.77
N MET A 257 -12.97 -20.10 10.78
CA MET A 257 -13.37 -19.49 9.52
C MET A 257 -14.29 -20.42 8.73
N GLU A 258 -14.04 -21.73 8.77
CA GLU A 258 -14.91 -22.69 8.09
C GLU A 258 -16.29 -22.74 8.76
N LYS A 259 -16.30 -22.75 10.08
CA LYS A 259 -17.55 -22.69 10.84
C LYS A 259 -18.35 -21.44 10.49
N THR A 260 -17.70 -20.28 10.64
CA THR A 260 -18.31 -19.00 10.31
C THR A 260 -18.86 -19.00 8.88
N SER A 261 -18.09 -19.57 7.95
CA SER A 261 -18.52 -19.67 6.57
C SER A 261 -19.83 -20.45 6.45
N ALA A 262 -19.89 -21.60 7.11
CA ALA A 262 -21.10 -22.42 7.10
C ALA A 262 -22.31 -21.66 7.65
N LEU A 263 -22.11 -21.00 8.79
CA LEU A 263 -23.15 -20.21 9.44
C LEU A 263 -23.70 -19.12 8.52
N LEU A 264 -22.80 -18.29 7.99
CA LEU A 264 -23.19 -17.21 7.10
C LEU A 264 -23.86 -17.73 5.84
N GLY A 265 -23.47 -18.93 5.41
CA GLY A 265 -24.15 -19.58 4.30
C GLY A 265 -25.60 -19.87 4.64
N ALA A 266 -25.81 -20.43 5.83
CA ALA A 266 -27.17 -20.70 6.31
C ALA A 266 -28.04 -19.45 6.37
N ARG A 267 -27.54 -18.43 7.05
CA ARG A 267 -28.23 -17.14 7.16
C ARG A 267 -28.54 -16.58 5.77
N LEU A 268 -27.59 -16.74 4.85
CA LEU A 268 -27.76 -16.30 3.48
C LEU A 268 -28.95 -17.00 2.82
N LYS A 269 -29.04 -18.32 3.01
CA LYS A 269 -30.18 -19.07 2.50
C LYS A 269 -31.49 -18.52 3.05
N GLU A 270 -31.52 -18.29 4.37
CA GLU A 270 -32.69 -17.70 5.02
C GLU A 270 -33.13 -16.38 4.37
N LEU A 271 -32.20 -15.44 4.29
CA LEU A 271 -32.48 -14.14 3.71
C LEU A 271 -32.91 -14.23 2.24
N GLU A 272 -32.36 -15.19 1.51
CA GLU A 272 -32.73 -15.38 0.11
C GLU A 272 -34.20 -15.82 0.02
N GLN A 273 -34.57 -16.77 0.87
CA GLN A 273 -35.94 -17.25 0.91
C GLN A 273 -36.91 -16.12 1.28
N GLU A 274 -36.54 -15.36 2.31
CA GLU A 274 -37.34 -14.20 2.72
C GLU A 274 -37.54 -13.21 1.58
N ALA A 275 -36.45 -12.82 0.94
CA ALA A 275 -36.50 -11.86 -0.16
C ALA A 275 -37.39 -12.33 -1.28
N HIS A 276 -37.23 -13.59 -1.68
CA HIS A 276 -38.08 -14.18 -2.71
C HIS A 276 -39.54 -14.11 -2.29
N PHE A 277 -39.79 -14.36 -1.00
CA PHE A 277 -41.14 -14.32 -0.45
C PHE A 277 -41.77 -12.93 -0.55
N VAL A 278 -41.11 -11.92 0.01
CA VAL A 278 -41.69 -10.57 0.07
C VAL A 278 -41.64 -9.81 -1.25
N ALA A 279 -40.84 -10.21 -2.20
CA ALA A 279 -40.96 -9.59 -3.51
C ALA A 279 -41.98 -10.31 -4.34
N GLY A 280 -42.37 -11.46 -3.84
CA GLY A 280 -43.39 -12.23 -4.47
C GLY A 280 -42.97 -12.57 -5.84
N GLU A 281 -41.69 -12.83 -5.99
CA GLU A 281 -41.24 -13.49 -7.17
C GLU A 281 -39.91 -14.07 -6.87
N ARG A 282 -39.50 -15.02 -7.70
CA ARG A 282 -38.23 -15.65 -7.47
C ARG A 282 -37.31 -15.06 -8.47
N PHE A 283 -36.28 -14.40 -7.96
CA PHE A 283 -35.35 -13.62 -8.76
C PHE A 283 -33.95 -13.84 -8.21
N LEU A 284 -32.93 -13.58 -9.02
CA LEU A 284 -31.57 -13.81 -8.56
C LEU A 284 -31.24 -12.76 -7.50
N ILE A 285 -30.93 -13.24 -6.30
CA ILE A 285 -30.76 -12.36 -5.14
C ILE A 285 -29.49 -11.53 -5.30
N THR A 286 -28.53 -12.08 -6.04
CA THR A 286 -27.25 -11.43 -6.25
C THR A 286 -27.25 -10.59 -7.52
N SER A 287 -28.40 -10.52 -8.19
CA SER A 287 -28.52 -9.70 -9.38
C SER A 287 -29.06 -8.32 -9.03
N ASN A 288 -28.32 -7.29 -9.43
CA ASN A 288 -28.74 -5.92 -9.21
C ASN A 288 -29.75 -5.46 -10.25
N ASN A 289 -29.65 -6.02 -11.46
CA ASN A 289 -30.58 -5.70 -12.53
C ASN A 289 -31.99 -6.12 -12.15
N GLN A 290 -32.14 -7.38 -11.76
CA GLN A 290 -33.43 -7.93 -11.40
C GLN A 290 -34.03 -7.22 -10.20
N LEU A 291 -33.20 -6.92 -9.21
CA LEU A 291 -33.65 -6.20 -8.03
C LEU A 291 -34.11 -4.80 -8.38
N ARG A 292 -33.41 -4.17 -9.32
CA ARG A 292 -33.78 -2.83 -9.80
C ARG A 292 -35.16 -2.90 -10.46
N GLU A 293 -35.30 -3.83 -11.38
CA GLU A 293 -36.57 -4.06 -12.07
C GLU A 293 -37.70 -4.29 -11.09
N ILE A 294 -37.44 -5.09 -10.08
CA ILE A 294 -38.42 -5.35 -9.08
C ILE A 294 -38.74 -4.12 -8.30
N LEU A 295 -37.71 -3.45 -7.84
CA LEU A 295 -37.92 -2.36 -6.95
C LEU A 295 -38.68 -1.24 -7.59
N PHE A 296 -38.40 -0.98 -8.85
CA PHE A 296 -38.99 0.15 -9.51
C PHE A 296 -39.86 -0.27 -10.65
N GLY A 297 -39.50 -1.36 -11.26
CA GLY A 297 -40.31 -1.89 -12.34
C GLY A 297 -41.70 -2.29 -12.00
N LYS A 298 -41.87 -2.92 -10.86
CA LYS A 298 -43.11 -3.47 -10.42
C LYS A 298 -43.61 -2.69 -9.25
N LEU A 299 -42.90 -2.77 -8.15
CA LEU A 299 -43.35 -2.14 -6.94
C LEU A 299 -43.42 -0.67 -7.15
N LYS A 300 -42.65 -0.16 -8.07
CA LYS A 300 -42.68 1.29 -8.31
C LYS A 300 -42.54 2.12 -7.04
N LEU A 301 -41.53 1.81 -6.23
CA LEU A 301 -41.34 2.48 -4.94
C LEU A 301 -40.77 3.88 -5.09
N HIS A 302 -40.25 4.20 -6.27
CA HIS A 302 -39.66 5.52 -6.51
C HIS A 302 -40.74 6.56 -6.77
N LEU A 303 -41.83 6.15 -7.40
CA LEU A 303 -42.95 7.03 -7.67
C LEU A 303 -43.73 7.32 -6.39
N LEU A 304 -43.66 6.39 -5.44
CA LEU A 304 -44.38 6.50 -4.17
C LEU A 304 -44.05 7.75 -3.37
N SER A 305 -42.78 7.87 -2.97
CA SER A 305 -42.33 9.00 -2.16
C SER A 305 -40.82 9.00 -2.01
N TYR A 318 -35.06 5.02 -13.99
CA TYR A 318 -35.04 4.38 -12.68
C TYR A 318 -33.78 4.74 -11.90
N PRO A 319 -33.86 4.74 -10.58
CA PRO A 319 -32.69 4.95 -9.73
C PRO A 319 -32.00 3.63 -9.41
N SER A 320 -30.76 3.68 -8.94
CA SER A 320 -30.00 2.48 -8.61
C SER A 320 -30.28 1.71 -7.32
N THR A 321 -29.54 0.62 -7.13
CA THR A 321 -29.74 -0.25 -5.97
C THR A 321 -28.81 0.08 -4.79
N SER A 322 -28.06 1.17 -4.91
CA SER A 322 -27.05 1.52 -3.91
C SER A 322 -27.65 1.77 -2.53
N GLU A 323 -26.81 1.65 -1.49
CA GLU A 323 -27.25 1.69 -0.10
C GLU A 323 -28.03 2.96 0.27
N ALA A 324 -27.72 4.07 -0.40
CA ALA A 324 -28.45 5.31 -0.16
C ALA A 324 -29.92 5.15 -0.54
N VAL A 325 -30.15 4.73 -1.78
CA VAL A 325 -31.48 4.45 -2.28
C VAL A 325 -32.23 3.50 -1.35
N LEU A 326 -31.58 2.40 -0.99
CA LEU A 326 -32.21 1.38 -0.16
C LEU A 326 -32.55 1.88 1.24
N ASN A 327 -31.69 2.74 1.79
CA ASN A 327 -31.97 3.33 3.10
C ASN A 327 -33.10 4.34 3.02
N ALA A 328 -33.27 4.93 1.84
CA ALA A 328 -34.40 5.84 1.60
C ALA A 328 -35.73 5.10 1.59
N LEU A 329 -35.72 3.88 1.09
CA LEU A 329 -36.93 3.09 0.91
C LEU A 329 -37.22 2.14 2.07
N ARG A 330 -36.38 2.17 3.09
CA ARG A 330 -36.42 1.16 4.16
C ARG A 330 -37.77 1.06 4.89
N ASP A 331 -38.49 2.16 4.86
CA ASP A 331 -39.76 2.26 5.52
C ASP A 331 -40.94 1.99 4.62
N LEU A 332 -40.71 2.13 3.33
CA LEU A 332 -41.69 1.80 2.33
C LEU A 332 -41.99 0.34 2.16
N HIS A 333 -40.99 -0.52 2.29
CA HIS A 333 -41.18 -1.90 1.95
C HIS A 333 -40.16 -2.77 2.64
N PRO A 334 -40.43 -4.05 2.86
CA PRO A 334 -39.46 -4.90 3.61
C PRO A 334 -38.14 -5.19 2.86
N LEU A 335 -38.27 -5.40 1.56
CA LEU A 335 -37.25 -5.82 0.60
C LEU A 335 -35.92 -5.05 0.68
N PRO A 336 -35.95 -3.71 0.78
CA PRO A 336 -34.68 -3.01 0.90
C PRO A 336 -33.85 -3.44 2.11
N LYS A 337 -34.47 -3.54 3.28
CA LYS A 337 -33.76 -3.97 4.48
C LYS A 337 -33.21 -5.40 4.32
N ILE A 338 -34.04 -6.28 3.75
CA ILE A 338 -33.60 -7.64 3.48
C ILE A 338 -32.36 -7.66 2.58
N ILE A 339 -32.43 -6.95 1.46
CA ILE A 339 -31.30 -6.84 0.53
C ILE A 339 -30.06 -6.26 1.19
N LEU A 340 -30.24 -5.28 2.06
CA LEU A 340 -29.11 -4.69 2.79
C LEU A 340 -28.41 -5.72 3.67
N GLU A 341 -29.17 -6.40 4.52
CA GLU A 341 -28.58 -7.41 5.39
C GLU A 341 -27.93 -8.53 4.59
N TYR A 342 -28.60 -8.95 3.52
CA TYR A 342 -28.06 -10.01 2.66
C TYR A 342 -26.75 -9.58 2.04
N ARG A 343 -26.70 -8.34 1.57
CA ARG A 343 -25.52 -7.79 0.93
C ARG A 343 -24.35 -7.76 1.92
N GLN A 344 -24.64 -7.31 3.14
CA GLN A 344 -23.65 -7.26 4.19
C GLN A 344 -23.07 -8.64 4.50
N VAL A 345 -23.96 -9.56 4.87
CA VAL A 345 -23.53 -10.91 5.23
C VAL A 345 -22.79 -11.60 4.08
N HIS A 346 -23.30 -11.43 2.87
CA HIS A 346 -22.68 -12.01 1.68
C HIS A 346 -21.28 -11.45 1.46
N LYS A 347 -21.11 -10.15 1.72
CA LYS A 347 -19.80 -9.53 1.61
C LYS A 347 -18.84 -10.16 2.60
N ILE A 348 -19.23 -10.17 3.88
CA ILE A 348 -18.39 -10.75 4.92
C ILE A 348 -17.98 -12.19 4.61
N LYS A 349 -18.95 -13.03 4.35
CA LYS A 349 -18.63 -14.41 4.16
C LYS A 349 -17.80 -14.59 2.97
N SER A 350 -18.21 -14.03 1.87
CA SER A 350 -17.49 -14.21 0.62
C SER A 350 -16.11 -13.63 0.50
N THR A 351 -15.88 -12.42 0.99
CA THR A 351 -14.60 -11.79 0.85
C THR A 351 -13.75 -11.96 2.05
N PHE A 352 -14.34 -11.88 3.22
CA PHE A 352 -13.58 -11.85 4.43
C PHE A 352 -13.53 -13.13 5.18
N VAL A 353 -14.06 -14.18 4.59
CA VAL A 353 -13.92 -15.49 5.17
C VAL A 353 -13.53 -16.41 4.07
N ASP A 354 -14.44 -16.68 3.15
CA ASP A 354 -14.17 -17.63 2.11
C ASP A 354 -13.02 -17.27 1.20
N GLY A 355 -12.92 -16.01 0.84
CA GLY A 355 -11.82 -15.50 0.05
C GLY A 355 -10.50 -15.47 0.81
N LEU A 356 -10.58 -15.31 2.13
CA LEU A 356 -9.39 -15.27 2.96
C LEU A 356 -8.79 -16.67 3.13
N LEU A 357 -9.65 -17.69 3.04
CA LEU A 357 -9.20 -19.07 3.12
C LEU A 357 -8.46 -19.48 1.85
N ALA A 358 -8.83 -18.85 0.73
CA ALA A 358 -8.21 -19.16 -0.56
C ALA A 358 -6.82 -18.54 -0.68
N CYS A 359 -6.50 -17.62 0.22
CA CYS A 359 -5.20 -16.95 0.20
C CYS A 359 -4.21 -17.65 1.13
N MET A 360 -4.69 -18.66 1.81
CA MET A 360 -3.92 -19.28 2.84
C MET A 360 -2.82 -20.16 2.35
N LYS A 361 -1.67 -20.09 2.98
CA LYS A 361 -0.71 -21.13 2.78
C LYS A 361 -0.33 -21.53 4.16
N LYS A 362 -0.45 -22.80 4.45
CA LYS A 362 0.11 -23.31 5.66
C LYS A 362 -0.37 -22.55 6.87
N GLY A 363 -1.63 -22.20 6.91
CA GLY A 363 -2.22 -21.69 8.13
C GLY A 363 -2.01 -20.22 8.41
N SER A 364 -1.29 -19.59 7.51
CA SER A 364 -1.10 -18.14 7.49
C SER A 364 -1.28 -17.51 6.10
N ILE A 365 -1.37 -16.18 6.08
CA ILE A 365 -1.49 -15.44 4.84
C ILE A 365 -0.45 -14.31 4.75
N SER A 366 -0.06 -13.96 3.53
CA SER A 366 0.81 -12.82 3.33
C SER A 366 0.36 -12.01 2.13
N SER A 367 0.08 -10.73 2.36
CA SER A 367 -0.42 -9.87 1.30
C SER A 367 0.73 -9.43 0.41
N THR A 368 0.41 -9.19 -0.86
CA THR A 368 1.39 -8.69 -1.81
C THR A 368 1.22 -7.19 -1.96
N TRP A 369 2.29 -6.45 -1.71
CA TRP A 369 2.22 -4.99 -1.73
C TRP A 369 2.62 -4.38 -3.08
N ASN A 370 1.93 -3.31 -3.46
CA ASN A 370 2.24 -2.59 -4.70
C ASN A 370 2.46 -1.09 -4.46
N GLN A 371 3.67 -0.63 -4.74
CA GLN A 371 4.05 0.76 -4.56
C GLN A 371 3.60 1.63 -5.74
N THR A 372 3.46 0.99 -6.90
CA THR A 372 3.10 1.66 -8.15
C THR A 372 1.59 1.63 -8.38
N GLY A 373 0.85 1.15 -7.38
CA GLY A 373 -0.57 0.91 -7.51
C GLY A 373 -1.48 2.09 -7.78
N THR A 374 -1.24 3.20 -7.10
CA THR A 374 -2.22 4.29 -7.10
C THR A 374 -1.74 5.56 -7.80
N VAL A 375 -2.64 6.54 -7.92
CA VAL A 375 -2.27 7.90 -8.30
C VAL A 375 -2.18 8.79 -7.08
N THR A 376 -2.57 8.26 -5.93
CA THR A 376 -2.58 9.04 -4.70
C THR A 376 -1.29 8.89 -3.90
N GLY A 377 -0.45 7.95 -4.32
CA GLY A 377 0.76 7.67 -3.58
C GLY A 377 0.53 6.63 -2.50
N ARG A 378 -0.72 6.24 -2.30
CA ARG A 378 -1.06 5.22 -1.32
C ARG A 378 -0.56 3.85 -1.77
N LEU A 379 -0.29 2.97 -0.81
CA LEU A 379 0.05 1.59 -1.10
C LEU A 379 -1.21 0.79 -1.38
N SER A 380 -1.13 -0.23 -2.22
CA SER A 380 -2.23 -1.16 -2.40
C SER A 380 -1.79 -2.56 -1.98
N ALA A 381 -2.73 -3.45 -1.67
CA ALA A 381 -2.39 -4.76 -1.18
C ALA A 381 -3.21 -5.80 -1.88
N LYS A 382 -2.74 -7.02 -1.96
CA LYS A 382 -3.48 -8.05 -2.63
C LYS A 382 -3.40 -9.32 -1.91
N HIS A 383 -4.40 -10.13 -2.08
CA HIS A 383 -4.28 -11.52 -1.87
C HIS A 383 -3.74 -11.88 -0.51
N PRO A 384 -4.43 -11.45 0.53
CA PRO A 384 -5.70 -10.74 0.38
C PRO A 384 -5.52 -9.25 0.57
N ASN A 385 -6.58 -8.48 0.35
CA ASN A 385 -6.45 -7.05 0.52
C ASN A 385 -6.66 -6.76 2.00
N ILE A 386 -5.56 -6.44 2.68
CA ILE A 386 -5.59 -6.35 4.13
C ILE A 386 -5.96 -4.93 4.55
N GLN A 387 -5.97 -4.03 3.57
CA GLN A 387 -6.36 -2.65 3.83
C GLN A 387 -7.88 -2.50 3.85
N GLY A 388 -8.57 -3.46 3.23
CA GLY A 388 -10.01 -3.37 3.10
C GLY A 388 -10.81 -4.32 3.98
N ILE A 389 -10.16 -4.92 4.96
CA ILE A 389 -10.85 -5.85 5.86
C ILE A 389 -11.71 -5.07 6.84
N SER A 390 -12.99 -5.45 6.93
CA SER A 390 -13.97 -4.70 7.73
C SER A 390 -13.53 -4.52 9.19
N LYS A 391 -13.58 -3.28 9.64
CA LYS A 391 -13.08 -2.90 10.96
C LYS A 391 -14.06 -3.31 12.06
N HIS A 392 -15.34 -3.03 11.84
CA HIS A 392 -16.37 -3.29 12.84
C HIS A 392 -17.03 -4.65 12.65
N PRO A 393 -17.18 -5.41 13.75
CA PRO A 393 -17.78 -6.74 13.73
C PRO A 393 -19.28 -6.66 13.50
N ILE A 394 -19.85 -7.65 12.84
CA ILE A 394 -21.29 -7.65 12.55
C ILE A 394 -22.06 -8.69 13.35
N GLN A 395 -23.37 -8.51 13.43
CA GLN A 395 -24.24 -9.40 14.19
C GLN A 395 -25.24 -10.21 13.37
N ILE A 396 -25.35 -11.48 13.69
CA ILE A 396 -26.22 -12.30 12.91
C ILE A 396 -27.21 -13.02 13.79
N THR A 397 -28.44 -13.02 13.33
CA THR A 397 -29.50 -13.61 14.06
C THR A 397 -29.29 -15.06 13.78
N THR A 398 -28.63 -15.75 14.70
CA THR A 398 -28.19 -17.10 14.40
C THR A 398 -29.41 -17.90 14.06
N PRO A 399 -29.36 -18.57 12.92
CA PRO A 399 -30.41 -19.50 12.50
C PRO A 399 -30.03 -20.92 12.88
N LYS A 400 -31.01 -21.82 12.90
CA LYS A 400 -30.76 -23.22 13.30
C LYS A 400 -29.30 -23.54 13.57
N LYS A 408 -29.62 -17.57 19.88
CA LYS A 408 -28.68 -16.65 20.48
C LYS A 408 -28.18 -15.64 19.45
N ILE A 409 -27.66 -14.51 19.91
CA ILE A 409 -27.03 -13.55 19.02
C ILE A 409 -25.63 -14.05 18.69
N LEU A 410 -25.12 -13.66 17.53
CA LEU A 410 -23.78 -14.09 17.14
C LEU A 410 -22.96 -12.92 16.60
N THR A 411 -21.87 -12.61 17.28
CA THR A 411 -20.99 -11.53 16.85
C THR A 411 -19.84 -12.09 16.01
N ILE A 412 -19.60 -11.46 14.87
CA ILE A 412 -18.57 -11.94 13.95
C ILE A 412 -17.57 -10.84 13.58
N SER A 413 -16.32 -11.03 13.99
CA SER A 413 -15.25 -10.09 13.69
C SER A 413 -14.21 -10.73 12.78
N PRO A 414 -14.12 -10.26 11.53
CA PRO A 414 -13.16 -10.81 10.56
C PRO A 414 -11.72 -10.51 10.97
N ARG A 415 -11.50 -9.38 11.63
CA ARG A 415 -10.16 -9.02 12.08
C ARG A 415 -9.70 -9.86 13.26
N ALA A 416 -10.64 -10.60 13.86
CA ALA A 416 -10.30 -11.47 14.98
C ALA A 416 -9.73 -12.79 14.46
N MET A 417 -9.85 -13.00 13.16
CA MET A 417 -9.29 -14.18 12.53
C MET A 417 -7.78 -14.05 12.37
N PHE A 418 -7.28 -12.82 12.50
CA PHE A 418 -5.84 -12.57 12.43
C PHE A 418 -5.25 -12.60 13.84
N VAL A 419 -4.45 -13.62 14.12
CA VAL A 419 -3.86 -13.76 15.46
C VAL A 419 -2.34 -13.77 15.41
N SER A 420 -1.72 -13.23 16.47
CA SER A 420 -0.27 -13.15 16.53
C SER A 420 0.33 -14.50 16.85
N SER A 421 1.60 -14.67 16.48
CA SER A 421 2.36 -15.87 16.82
C SER A 421 2.59 -15.91 18.32
N LYS A 422 2.97 -17.06 18.85
CA LYS A 422 3.18 -17.20 20.28
C LYS A 422 4.63 -17.58 20.63
N GLY A 423 5.15 -16.99 21.70
CA GLY A 423 4.60 -15.78 22.28
C GLY A 423 4.93 -14.55 21.47
N HIS A 424 3.92 -13.84 21.02
CA HIS A 424 4.06 -12.54 20.36
C HIS A 424 2.72 -11.85 20.46
N THR A 425 2.69 -10.54 20.26
CA THR A 425 1.44 -9.81 20.28
C THR A 425 1.45 -8.63 19.33
N PHE A 426 0.27 -8.33 18.77
CA PHE A 426 0.11 -7.23 17.83
C PHE A 426 0.11 -5.88 18.54
N LEU A 427 0.91 -4.97 18.00
CA LEU A 427 0.97 -3.59 18.47
C LEU A 427 0.57 -2.66 17.33
N ALA A 428 -0.55 -1.98 17.48
CA ALA A 428 -1.04 -1.07 16.45
C ALA A 428 -0.77 0.38 16.82
N ALA A 429 -0.42 1.18 15.82
CA ALA A 429 -0.23 2.61 16.00
C ALA A 429 -1.05 3.38 14.97
N ASP A 430 -2.05 4.12 15.44
CA ASP A 430 -2.94 4.85 14.55
C ASP A 430 -2.60 6.35 14.54
N PHE A 431 -2.77 6.97 13.39
CA PHE A 431 -2.70 8.42 13.30
C PHE A 431 -4.10 8.97 13.52
N SER A 432 -4.28 9.69 14.61
CA SER A 432 -5.60 10.15 15.03
C SER A 432 -6.06 11.34 14.20
N GLN A 433 -7.23 11.20 13.59
CA GLN A 433 -7.86 12.26 12.80
C GLN A 433 -6.91 12.88 11.77
N ILE A 434 -6.06 12.03 11.18
CA ILE A 434 -4.97 12.51 10.33
C ILE A 434 -5.45 13.34 9.14
N GLU A 435 -6.57 12.94 8.53
CA GLU A 435 -7.12 13.71 7.42
C GLU A 435 -7.58 15.08 7.87
N LEU A 436 -8.21 15.14 9.04
CA LEU A 436 -8.68 16.40 9.59
C LEU A 436 -7.52 17.34 9.91
N ARG A 437 -6.45 16.77 10.47
CA ARG A 437 -5.27 17.56 10.81
C ARG A 437 -4.53 18.04 9.56
N ILE A 438 -4.49 17.21 8.53
CA ILE A 438 -3.90 17.60 7.26
C ILE A 438 -4.69 18.75 6.66
N LEU A 439 -6.01 18.63 6.68
CA LEU A 439 -6.88 19.68 6.17
C LEU A 439 -6.71 20.96 6.96
N THR A 440 -6.52 20.83 8.27
CA THR A 440 -6.29 21.97 9.13
C THR A 440 -4.99 22.66 8.72
N HIS A 441 -3.94 21.87 8.52
CA HIS A 441 -2.65 22.40 8.10
C HIS A 441 -2.73 23.14 6.76
N LEU A 442 -3.37 22.52 5.78
CA LEU A 442 -3.45 23.09 4.45
C LEU A 442 -4.32 24.34 4.39
N SER A 443 -5.47 24.28 5.07
CA SER A 443 -6.40 25.40 5.08
C SER A 443 -5.89 26.50 6.01
N GLY A 444 -5.40 26.09 7.18
CA GLY A 444 -4.92 27.04 8.17
C GLY A 444 -6.07 27.68 8.92
N ASP A 445 -7.23 27.03 8.90
CA ASP A 445 -8.42 27.55 9.56
C ASP A 445 -8.19 27.74 11.05
N PRO A 446 -8.49 28.95 11.55
CA PRO A 446 -8.27 29.36 12.94
C PRO A 446 -9.00 28.49 13.96
N GLU A 447 -10.24 28.13 13.68
CA GLU A 447 -11.05 27.37 14.63
C GLU A 447 -10.59 25.92 14.78
N LEU A 448 -10.22 25.29 13.67
CA LEU A 448 -9.72 23.92 13.69
C LEU A 448 -8.35 23.87 14.35
N LEU A 449 -7.50 24.84 14.00
CA LEU A 449 -6.17 24.95 14.57
C LEU A 449 -6.28 25.18 16.07
N LYS A 450 -7.28 25.95 16.49
CA LYS A 450 -7.56 26.17 17.89
C LYS A 450 -8.03 24.87 18.53
N LEU A 451 -8.77 24.07 17.77
CA LEU A 451 -9.27 22.79 18.25
C LEU A 451 -8.14 21.80 18.55
N PHE A 452 -7.17 21.70 17.65
CA PHE A 452 -6.09 20.72 17.82
C PHE A 452 -4.99 21.15 18.79
N GLN A 453 -4.76 22.46 18.90
CA GLN A 453 -3.64 22.96 19.71
C GLN A 453 -4.00 23.09 21.20
N GLU A 454 -5.22 22.70 21.55
CA GLU A 454 -5.55 22.42 22.93
C GLU A 454 -5.50 20.89 23.04
N SER A 455 -4.46 20.39 23.70
CA SER A 455 -4.13 18.97 23.61
C SER A 455 -3.96 18.28 24.97
N GLU A 456 -4.39 17.02 25.05
CA GLU A 456 -5.11 16.35 23.96
C GLU A 456 -6.56 16.81 23.86
N ARG A 457 -7.26 16.76 25.00
CA ARG A 457 -8.69 17.02 25.06
C ARG A 457 -9.35 16.27 23.91
N ASP A 458 -9.05 14.98 23.79
CA ASP A 458 -9.43 14.21 22.63
C ASP A 458 -10.88 13.73 22.76
N ASP A 459 -11.31 12.89 21.82
CA ASP A 459 -12.71 12.87 21.39
C ASP A 459 -12.82 14.24 20.73
N VAL A 460 -11.82 14.54 19.92
CA VAL A 460 -11.70 15.80 19.22
C VAL A 460 -12.94 16.09 18.39
N PHE A 461 -13.60 15.01 17.95
CA PHE A 461 -14.85 15.13 17.21
C PHE A 461 -16.00 15.60 18.11
N SER A 462 -15.89 15.34 19.41
CA SER A 462 -16.90 15.83 20.35
C SER A 462 -16.79 17.33 20.52
N THR A 463 -15.58 17.79 20.81
CA THR A 463 -15.30 19.23 20.95
C THR A 463 -15.57 19.96 19.64
N LEU A 464 -15.36 19.25 18.53
CA LEU A 464 -15.66 19.79 17.21
C LEU A 464 -17.17 19.91 17.03
N THR A 465 -17.91 18.94 17.57
CA THR A 465 -19.36 18.96 17.51
C THR A 465 -19.91 20.12 18.32
N SER A 466 -19.28 20.35 19.48
CA SER A 466 -19.69 21.43 20.36
C SER A 466 -19.39 22.79 19.74
N GLN A 467 -18.19 22.93 19.19
CA GLN A 467 -17.77 24.19 18.58
C GLN A 467 -18.60 24.52 17.34
N TRP A 468 -18.90 23.48 16.59
CA TRP A 468 -19.60 23.60 15.35
C TRP A 468 -21.02 23.97 15.63
N LYS A 469 -21.68 23.12 16.39
CA LYS A 469 -23.11 23.23 16.66
C LYS A 469 -23.43 24.23 17.77
N ASP A 470 -22.40 24.82 18.36
CA ASP A 470 -22.53 25.82 19.43
C ASP A 470 -23.28 25.28 20.66
N VAL A 471 -23.26 23.96 20.84
CA VAL A 471 -23.86 23.35 22.01
C VAL A 471 -22.78 22.79 22.95
N PRO A 472 -22.75 23.19 24.19
CA PRO A 472 -21.64 22.87 25.07
C PRO A 472 -21.52 21.39 25.41
N VAL A 473 -20.34 21.07 25.93
CA VAL A 473 -19.62 19.87 25.63
C VAL A 473 -20.27 18.58 26.02
N GLU A 474 -20.82 18.56 27.22
CA GLU A 474 -21.33 17.33 27.77
C GLU A 474 -22.54 16.84 27.01
N GLN A 475 -23.33 17.78 26.51
CA GLN A 475 -24.54 17.43 25.81
C GLN A 475 -24.12 16.59 24.65
N VAL A 476 -22.98 16.93 24.07
CA VAL A 476 -22.41 16.11 23.01
C VAL A 476 -22.40 14.64 23.44
N THR A 477 -22.99 13.80 22.62
CA THR A 477 -23.08 12.37 22.90
C THR A 477 -22.25 11.60 21.88
N HIS A 478 -22.26 10.28 21.99
CA HIS A 478 -21.46 9.45 21.09
C HIS A 478 -21.98 9.53 19.66
N ALA A 479 -23.29 9.59 19.50
CA ALA A 479 -23.92 9.70 18.18
C ALA A 479 -23.51 10.99 17.47
N ASP A 480 -23.30 12.05 18.25
CA ASP A 480 -22.88 13.33 17.69
C ASP A 480 -21.39 13.30 17.31
N ARG A 481 -20.61 12.54 18.07
CA ARG A 481 -19.20 12.30 17.72
C ARG A 481 -19.15 11.60 16.38
N GLU A 482 -19.98 10.57 16.24
CA GLU A 482 -20.07 9.82 14.99
C GLU A 482 -20.48 10.74 13.84
N GLN A 483 -21.58 11.47 14.01
CA GLN A 483 -22.02 12.43 13.01
C GLN A 483 -20.90 13.37 12.57
N THR A 484 -20.16 13.86 13.55
CA THR A 484 -19.04 14.75 13.31
C THR A 484 -17.96 14.07 12.47
N LYS A 485 -17.58 12.85 12.82
CA LYS A 485 -16.54 12.15 12.08
C LYS A 485 -16.99 11.81 10.65
N LYS A 486 -18.22 11.38 10.52
CA LYS A 486 -18.70 11.07 9.23
C LYS A 486 -18.73 12.35 8.44
N VAL A 487 -19.15 13.38 9.12
CA VAL A 487 -19.34 14.67 8.51
C VAL A 487 -18.06 15.22 8.01
N VAL A 488 -17.01 15.00 8.78
CA VAL A 488 -15.70 15.40 8.36
C VAL A 488 -15.18 14.64 7.17
N TYR A 489 -15.08 13.33 7.31
CA TYR A 489 -14.52 12.48 6.30
C TYR A 489 -15.23 12.71 4.99
N ALA A 490 -16.52 12.89 5.04
CA ALA A 490 -17.26 13.15 3.84
C ALA A 490 -16.70 14.38 3.24
N VAL A 491 -16.33 15.33 4.08
CA VAL A 491 -15.70 16.52 3.57
C VAL A 491 -14.35 16.34 2.96
N VAL A 492 -13.46 15.63 3.66
CA VAL A 492 -12.09 15.63 3.25
C VAL A 492 -11.95 14.91 1.98
N TYR A 493 -12.48 13.70 1.96
CA TYR A 493 -12.62 12.85 0.78
C TYR A 493 -13.62 13.29 -0.28
N GLY A 494 -14.79 13.72 0.13
CA GLY A 494 -15.80 14.13 -0.82
C GLY A 494 -16.78 13.03 -1.16
N ALA A 495 -17.75 13.38 -1.98
CA ALA A 495 -18.69 12.46 -2.63
C ALA A 495 -19.36 11.50 -1.66
N GLY A 496 -19.96 12.04 -0.61
CA GLY A 496 -20.41 13.39 -0.63
C GLY A 496 -21.72 13.36 0.12
N LYS A 497 -22.70 14.05 -0.43
CA LYS A 497 -23.99 14.16 0.17
C LYS A 497 -24.53 12.79 0.25
N GLU A 498 -24.38 12.07 -0.82
CA GLU A 498 -24.99 10.78 -0.95
C GLU A 498 -24.52 9.69 0.00
N ARG A 499 -23.20 9.50 0.14
CA ARG A 499 -22.72 8.46 1.03
C ARG A 499 -22.96 8.82 2.47
N LEU A 500 -22.56 10.04 2.73
CA LEU A 500 -22.58 10.66 4.06
C LEU A 500 -23.91 10.13 4.59
N ALA A 501 -24.98 10.42 3.86
CA ALA A 501 -26.32 9.99 4.24
C ALA A 501 -26.40 8.49 4.52
N ALA A 502 -25.87 7.69 3.60
CA ALA A 502 -25.92 6.23 3.72
C ALA A 502 -25.13 5.71 4.93
N CYS A 503 -23.93 6.27 5.11
CA CYS A 503 -23.05 5.87 6.21
C CYS A 503 -23.52 6.43 7.56
N LEU A 504 -24.12 7.62 7.52
CA LEU A 504 -24.57 8.30 8.74
C LEU A 504 -25.87 7.75 9.28
N GLY A 505 -26.69 7.21 8.40
CA GLY A 505 -27.99 6.67 8.79
C GLY A 505 -29.07 7.74 8.84
N VAL A 506 -28.87 8.81 8.08
CA VAL A 506 -29.84 9.90 7.99
C VAL A 506 -30.18 10.16 6.53
N PRO A 507 -31.37 10.72 6.25
CA PRO A 507 -31.74 11.09 4.88
C PRO A 507 -30.74 12.05 4.24
N ILE A 508 -30.67 12.03 2.91
CA ILE A 508 -29.68 12.80 2.16
C ILE A 508 -29.69 14.30 2.49
N GLN A 509 -30.87 14.89 2.54
CA GLN A 509 -31.01 16.33 2.71
C GLN A 509 -30.47 16.82 4.06
N GLU A 510 -30.69 16.02 5.11
CA GLU A 510 -30.17 16.34 6.43
C GLU A 510 -28.64 16.36 6.42
N ALA A 511 -28.06 15.35 5.79
CA ALA A 511 -26.61 15.24 5.65
C ALA A 511 -26.03 16.43 4.88
N ALA A 512 -26.68 16.80 3.78
CA ALA A 512 -26.26 17.94 2.97
C ALA A 512 -26.32 19.24 3.78
N GLN A 513 -27.37 19.39 4.57
CA GLN A 513 -27.52 20.54 5.47
C GLN A 513 -26.34 20.60 6.45
N PHE A 514 -26.03 19.47 7.07
CA PHE A 514 -24.88 19.36 7.97
C PHE A 514 -23.60 19.83 7.27
N LEU A 515 -23.37 19.29 6.08
CA LEU A 515 -22.21 19.65 5.26
C LEU A 515 -22.11 21.16 5.06
N GLU A 516 -23.20 21.79 4.63
CA GLU A 516 -23.18 23.24 4.37
C GLU A 516 -22.96 24.06 5.64
N SER A 517 -23.49 23.61 6.77
CA SER A 517 -23.24 24.29 8.04
C SER A 517 -21.75 24.25 8.35
N PHE A 518 -21.20 23.04 8.29
CA PHE A 518 -19.77 22.81 8.53
C PHE A 518 -18.90 23.65 7.60
N LEU A 519 -19.38 23.87 6.38
CA LEU A 519 -18.61 24.63 5.38
C LEU A 519 -18.51 26.13 5.69
N GLN A 520 -19.59 26.74 6.16
CA GLN A 520 -19.52 28.16 6.46
C GLN A 520 -19.04 28.42 7.89
N LYS A 521 -19.00 27.38 8.71
CA LYS A 521 -18.36 27.51 10.01
C LYS A 521 -16.85 27.65 9.82
N TYR A 522 -16.30 26.89 8.87
CA TYR A 522 -14.88 27.01 8.53
C TYR A 522 -14.67 27.46 7.08
N LYS A 523 -14.29 28.72 6.90
CA LYS A 523 -14.21 29.34 5.58
C LYS A 523 -12.94 28.94 4.83
N LYS A 524 -11.87 28.73 5.60
CA LYS A 524 -10.56 28.50 5.03
C LYS A 524 -10.46 27.17 4.29
N ILE A 525 -11.43 26.29 4.53
CA ILE A 525 -11.51 25.03 3.80
C ILE A 525 -11.92 25.25 2.35
N LYS A 526 -13.02 25.98 2.16
CA LYS A 526 -13.46 26.39 0.83
C LYS A 526 -12.37 27.21 0.16
N ASP A 527 -11.76 28.12 0.93
CA ASP A 527 -10.66 28.93 0.39
C ASP A 527 -9.54 28.04 -0.11
N PHE A 528 -9.22 27.01 0.66
CA PHE A 528 -8.15 26.07 0.33
C PHE A 528 -8.46 25.30 -0.95
N ALA A 529 -9.67 24.78 -1.05
CA ALA A 529 -10.10 24.05 -2.24
C ALA A 529 -10.03 24.94 -3.47
N ARG A 530 -10.43 26.19 -3.30
CA ARG A 530 -10.44 27.17 -4.37
C ARG A 530 -9.04 27.49 -4.82
N ALA A 531 -8.10 27.58 -3.89
CA ALA A 531 -6.69 27.77 -4.19
C ALA A 531 -6.11 26.56 -4.94
N ALA A 532 -6.47 25.37 -4.48
CA ALA A 532 -5.99 24.13 -5.10
C ALA A 532 -6.45 24.03 -6.56
N ILE A 533 -7.72 24.34 -6.80
CA ILE A 533 -8.26 24.29 -8.16
C ILE A 533 -7.56 25.33 -9.04
N ALA A 534 -7.35 26.51 -8.48
CA ALA A 534 -6.68 27.59 -9.19
C ALA A 534 -5.27 27.19 -9.60
N GLN A 535 -4.54 26.58 -8.66
CA GLN A 535 -3.20 26.08 -8.91
C GLN A 535 -3.23 25.02 -10.00
N CYS A 536 -4.23 24.14 -9.94
CA CYS A 536 -4.36 23.06 -10.91
C CYS A 536 -4.61 23.60 -12.31
N HIS A 537 -5.35 24.70 -12.41
CA HIS A 537 -5.59 25.35 -13.70
C HIS A 537 -4.31 26.03 -14.18
N GLN A 538 -3.56 26.61 -13.25
CA GLN A 538 -2.36 27.36 -13.58
C GLN A 538 -1.22 26.46 -14.08
N THR A 539 -0.86 25.47 -13.28
CA THR A 539 0.28 24.61 -13.60
C THR A 539 -0.11 23.37 -14.40
N GLY A 540 -1.42 23.12 -14.50
CA GLY A 540 -1.90 21.92 -15.15
C GLY A 540 -1.73 20.69 -14.28
N CYS A 541 -1.32 20.90 -13.03
CA CYS A 541 -1.17 19.81 -12.10
C CYS A 541 -1.02 20.24 -10.66
N VAL A 542 -1.38 19.37 -9.76
CA VAL A 542 -1.49 19.74 -8.34
C VAL A 542 -0.43 19.00 -7.50
N VAL A 543 0.05 19.63 -6.44
CA VAL A 543 1.15 19.06 -5.66
C VAL A 543 0.79 18.86 -4.17
N SER A 544 1.21 17.73 -3.60
CA SER A 544 0.98 17.43 -2.20
C SER A 544 2.04 18.10 -1.32
N ILE A 545 2.07 17.74 -0.04
CA ILE A 545 3.02 18.30 0.91
C ILE A 545 4.47 18.06 0.51
N MET A 546 4.83 16.80 0.29
CA MET A 546 6.22 16.43 0.08
C MET A 546 6.65 16.48 -1.38
N GLY A 547 5.76 16.95 -2.24
CA GLY A 547 6.13 17.22 -3.61
C GLY A 547 5.61 16.22 -4.61
N ARG A 548 4.82 15.25 -4.14
CA ARG A 548 4.19 14.30 -5.04
C ARG A 548 3.23 15.04 -5.96
N ARG A 549 3.31 14.76 -7.25
CA ARG A 549 2.51 15.51 -8.22
C ARG A 549 1.43 14.69 -8.90
N ARG A 550 0.31 15.35 -9.16
CA ARG A 550 -0.85 14.77 -9.81
C ARG A 550 -1.23 15.65 -10.98
N PRO A 551 -0.71 15.31 -12.17
CA PRO A 551 -1.09 16.00 -13.41
C PRO A 551 -2.55 15.72 -13.75
N LEU A 552 -3.29 16.75 -14.14
CA LEU A 552 -4.70 16.59 -14.48
C LEU A 552 -5.04 17.41 -15.72
N PRO A 553 -4.67 16.91 -16.91
CA PRO A 553 -4.82 17.63 -18.17
C PRO A 553 -6.26 17.99 -18.53
N ARG A 554 -7.22 17.36 -17.87
CA ARG A 554 -8.64 17.63 -18.12
C ARG A 554 -9.13 18.83 -17.32
N ILE A 555 -8.23 19.47 -16.59
CA ILE A 555 -8.55 20.71 -15.92
C ILE A 555 -8.64 21.83 -16.97
N HIS A 556 -8.00 21.61 -18.12
CA HIS A 556 -8.06 22.55 -19.23
C HIS A 556 -9.12 22.16 -20.25
N ALA A 557 -9.87 21.10 -19.96
CA ALA A 557 -10.87 20.58 -20.89
C ALA A 557 -12.08 21.50 -21.02
N HIS A 558 -12.69 21.50 -22.21
CA HIS A 558 -13.87 22.32 -22.48
C HIS A 558 -15.15 21.71 -21.90
N ASP A 559 -15.22 20.38 -21.87
CA ASP A 559 -16.35 19.69 -21.26
C ASP A 559 -16.43 20.06 -19.79
N GLN A 560 -17.63 20.42 -19.33
CA GLN A 560 -17.79 20.92 -17.97
C GLN A 560 -17.79 19.84 -16.90
N GLN A 561 -18.25 18.63 -17.25
CA GLN A 561 -18.25 17.55 -16.27
C GLN A 561 -16.85 16.98 -16.10
N LEU A 562 -16.06 16.99 -17.18
CA LEU A 562 -14.67 16.57 -17.10
C LEU A 562 -13.83 17.54 -16.29
N ARG A 563 -14.00 18.83 -16.56
CA ARG A 563 -13.32 19.87 -15.81
C ARG A 563 -13.70 19.82 -14.35
N ALA A 564 -15.01 19.72 -14.07
CA ALA A 564 -15.49 19.65 -12.70
C ALA A 564 -14.97 18.40 -12.00
N GLN A 565 -14.79 17.33 -12.78
CA GLN A 565 -14.22 16.11 -12.24
C GLN A 565 -12.77 16.34 -11.85
N ALA A 566 -11.99 16.87 -12.78
CA ALA A 566 -10.59 17.20 -12.51
C ALA A 566 -10.47 18.07 -11.26
N GLU A 567 -11.33 19.08 -11.17
CA GLU A 567 -11.37 19.94 -10.00
C GLU A 567 -11.64 19.14 -8.74
N ARG A 568 -12.57 18.18 -8.81
CA ARG A 568 -12.86 17.32 -7.68
C ARG A 568 -11.67 16.44 -7.32
N GLN A 569 -10.86 16.10 -8.32
CA GLN A 569 -9.73 15.21 -8.16
C GLN A 569 -8.55 15.90 -7.50
N ALA A 570 -8.31 17.16 -7.87
CA ALA A 570 -7.19 17.92 -7.32
C ALA A 570 -7.31 18.10 -5.81
N VAL A 571 -8.44 18.67 -5.39
CA VAL A 571 -8.71 18.93 -3.98
C VAL A 571 -8.58 17.66 -3.15
N ASN A 572 -9.00 16.54 -3.72
CA ASN A 572 -8.83 15.25 -3.07
C ASN A 572 -7.37 14.85 -2.99
N PHE A 573 -6.65 14.99 -4.11
CA PHE A 573 -5.25 14.57 -4.17
C PHE A 573 -4.37 15.29 -3.18
N VAL A 574 -4.65 16.56 -2.91
CA VAL A 574 -3.82 17.29 -1.96
C VAL A 574 -3.85 16.62 -0.59
N VAL A 575 -5.07 16.41 -0.09
CA VAL A 575 -5.26 15.80 1.22
C VAL A 575 -4.80 14.35 1.26
N GLN A 576 -5.31 13.55 0.34
CA GLN A 576 -5.07 12.11 0.33
C GLN A 576 -3.59 11.82 0.09
N GLY A 577 -3.02 12.54 -0.87
CA GLY A 577 -1.61 12.43 -1.19
C GLY A 577 -0.74 12.82 -0.02
N SER A 578 -1.03 13.96 0.59
CA SER A 578 -0.28 14.38 1.77
C SER A 578 -0.33 13.34 2.89
N ALA A 579 -1.53 12.83 3.17
CA ALA A 579 -1.70 11.84 4.23
C ALA A 579 -0.93 10.55 3.91
N ALA A 580 -0.92 10.19 2.63
CA ALA A 580 -0.15 9.03 2.18
C ALA A 580 1.33 9.25 2.42
N ASP A 581 1.80 10.45 2.07
CA ASP A 581 3.19 10.84 2.29
C ASP A 581 3.56 10.65 3.74
N LEU A 582 2.74 11.22 4.63
CA LEU A 582 2.98 11.09 6.07
C LEU A 582 3.00 9.64 6.54
N CYS A 583 2.07 8.83 6.07
CA CYS A 583 2.01 7.43 6.48
C CYS A 583 3.26 6.66 6.04
N LYS A 584 3.68 6.87 4.80
CA LYS A 584 4.91 6.28 4.31
C LYS A 584 6.11 6.74 5.15
N LEU A 585 6.17 8.04 5.43
CA LEU A 585 7.28 8.60 6.19
C LEU A 585 7.38 7.98 7.58
N ALA A 586 6.24 7.88 8.25
CA ALA A 586 6.16 7.25 9.56
C ALA A 586 6.65 5.82 9.46
N MET A 587 6.17 5.12 8.44
CA MET A 587 6.56 3.74 8.17
C MET A 587 8.09 3.61 8.11
N ILE A 588 8.70 4.44 7.28
CA ILE A 588 10.16 4.47 7.12
C ILE A 588 10.88 4.77 8.43
N HIS A 589 10.49 5.84 9.12
CA HIS A 589 11.18 6.25 10.34
C HIS A 589 11.08 5.23 11.47
N VAL A 590 9.90 4.61 11.64
CA VAL A 590 9.75 3.57 12.65
C VAL A 590 10.56 2.34 12.28
N PHE A 591 10.45 1.92 11.02
CA PHE A 591 11.20 0.78 10.52
C PHE A 591 12.69 0.97 10.75
N THR A 592 13.18 2.18 10.47
CA THR A 592 14.59 2.53 10.65
C THR A 592 14.97 2.55 12.12
N ALA A 593 14.10 3.09 12.95
CA ALA A 593 14.34 3.16 14.40
C ALA A 593 14.50 1.77 15.01
N VAL A 594 13.59 0.87 14.68
CA VAL A 594 13.68 -0.50 15.17
C VAL A 594 14.85 -1.22 14.52
N ALA A 595 15.10 -0.91 13.25
CA ALA A 595 16.18 -1.54 12.49
C ALA A 595 17.52 -1.41 13.19
N ALA A 596 17.82 -0.22 13.70
CA ALA A 596 18.99 -0.12 14.57
C ALA A 596 18.50 -0.08 16.00
N SER A 597 18.39 -1.25 16.59
CA SER A 597 18.15 -1.33 18.00
C SER A 597 18.81 -2.62 18.21
N HIS A 598 19.51 -2.77 19.30
CA HIS A 598 20.17 -4.02 19.53
C HIS A 598 19.28 -4.93 20.33
N THR A 599 18.17 -4.40 20.81
CA THR A 599 17.22 -5.21 21.55
C THR A 599 15.93 -5.55 20.85
N LEU A 600 15.27 -4.56 20.28
CA LEU A 600 13.92 -4.76 19.81
C LEU A 600 13.84 -5.60 18.57
N THR A 601 12.98 -6.60 18.62
CA THR A 601 12.83 -7.50 17.48
C THR A 601 11.57 -7.19 16.67
N ALA A 602 10.87 -6.13 17.05
CA ALA A 602 9.56 -5.81 16.49
C ALA A 602 9.59 -5.74 14.96
N ARG A 603 8.71 -6.50 14.33
CA ARG A 603 8.68 -6.59 12.88
C ARG A 603 7.43 -5.90 12.35
N LEU A 604 7.60 -5.05 11.36
CA LEU A 604 6.44 -4.43 10.72
C LEU A 604 5.69 -5.48 9.94
N VAL A 605 4.43 -5.67 10.28
CA VAL A 605 3.61 -6.71 9.67
C VAL A 605 2.74 -6.16 8.56
N ALA A 606 1.86 -5.23 8.90
CA ALA A 606 1.00 -4.63 7.90
C ALA A 606 0.92 -3.12 8.07
N GLN A 607 0.48 -2.44 7.02
CA GLN A 607 0.14 -1.03 7.13
C GLN A 607 -1.22 -0.84 6.48
N ILE A 608 -2.21 -0.48 7.29
CA ILE A 608 -3.49 -0.14 6.72
C ILE A 608 -3.73 1.35 6.78
N HIS A 609 -3.29 2.05 5.75
CA HIS A 609 -3.48 3.50 5.66
C HIS A 609 -2.88 4.23 6.86
N ASP A 610 -3.74 4.88 7.65
CA ASP A 610 -3.30 5.63 8.82
C ASP A 610 -2.64 4.80 9.92
N GLU A 611 -2.83 3.48 9.86
CA GLU A 611 -2.43 2.57 10.94
C GLU A 611 -1.24 1.66 10.61
N LEU A 612 -0.30 1.55 11.54
CA LEU A 612 0.81 0.61 11.42
C LEU A 612 0.59 -0.59 12.35
N LEU A 613 0.66 -1.80 11.79
CA LEU A 613 0.46 -3.01 12.58
C LEU A 613 1.75 -3.83 12.71
N PHE A 614 2.23 -3.94 13.95
CA PHE A 614 3.48 -4.61 14.26
C PHE A 614 3.24 -5.93 14.98
N GLU A 615 4.16 -6.88 14.82
CA GLU A 615 4.18 -8.07 15.66
C GLU A 615 5.38 -7.97 16.58
N VAL A 616 5.13 -7.85 17.87
CA VAL A 616 6.20 -7.63 18.83
C VAL A 616 6.26 -8.74 19.87
N GLU A 617 7.48 -9.18 20.19
CA GLU A 617 7.69 -10.14 21.26
C GLU A 617 7.18 -9.54 22.57
N ASP A 618 6.50 -10.35 23.38
CA ASP A 618 5.79 -9.87 24.56
C ASP A 618 6.55 -8.92 25.50
N PRO A 619 7.72 -9.36 26.03
CA PRO A 619 8.39 -8.50 27.01
C PRO A 619 8.86 -7.18 26.39
N GLN A 620 8.96 -7.14 25.07
CA GLN A 620 9.42 -5.95 24.38
C GLN A 620 8.31 -4.91 24.17
N ILE A 621 7.07 -5.28 24.50
CA ILE A 621 5.92 -4.38 24.28
C ILE A 621 6.07 -2.95 24.84
N PRO A 622 6.39 -2.80 26.14
CA PRO A 622 6.50 -1.43 26.68
C PRO A 622 7.59 -0.61 25.99
N GLU A 623 8.77 -1.20 25.83
CA GLU A 623 9.91 -0.49 25.23
C GLU A 623 9.66 -0.16 23.77
N CYS A 624 8.93 -1.04 23.09
CA CYS A 624 8.63 -0.87 21.68
C CYS A 624 7.58 0.22 21.46
N ALA A 625 6.51 0.16 22.24
CA ALA A 625 5.43 1.15 22.14
C ALA A 625 5.96 2.56 22.38
N ALA A 626 6.93 2.68 23.27
CA ALA A 626 7.56 3.97 23.53
C ALA A 626 8.27 4.49 22.29
N LEU A 627 9.11 3.65 21.69
CA LEU A 627 9.87 4.02 20.50
C LEU A 627 8.96 4.37 19.33
N VAL A 628 7.93 3.57 19.12
CA VAL A 628 6.95 3.82 18.06
C VAL A 628 6.30 5.19 18.25
N ARG A 629 5.68 5.38 19.41
CA ARG A 629 5.02 6.64 19.74
C ARG A 629 5.93 7.85 19.58
N ARG A 630 7.11 7.79 20.19
CA ARG A 630 8.05 8.91 20.15
C ARG A 630 8.51 9.22 18.73
N THR A 631 8.67 8.17 17.92
CA THR A 631 9.14 8.35 16.55
C THR A 631 8.07 8.96 15.65
N MET A 632 6.86 8.43 15.72
CA MET A 632 5.76 8.89 14.89
C MET A 632 5.33 10.31 15.23
N GLU A 633 5.34 10.64 16.51
CA GLU A 633 4.97 11.97 16.97
C GLU A 633 6.04 13.00 16.62
N SER A 634 7.23 12.52 16.30
CA SER A 634 8.36 13.39 15.97
C SER A 634 8.29 13.80 14.50
N LEU A 635 7.26 13.34 13.80
CA LEU A 635 7.09 13.61 12.38
C LEU A 635 6.52 15.00 12.10
N GLU A 636 6.08 15.69 13.16
CA GLU A 636 5.56 17.05 13.04
C GLU A 636 6.62 17.96 12.43
N GLN A 637 7.86 17.82 12.90
CA GLN A 637 8.98 18.55 12.33
C GLN A 637 10.10 17.59 11.93
N VAL A 638 10.35 17.51 10.62
CA VAL A 638 11.43 16.67 10.11
C VAL A 638 12.20 17.44 9.03
N GLN A 639 13.44 17.82 9.29
CA GLN A 639 14.04 18.67 8.30
C GLN A 639 15.35 18.07 7.87
N ALA A 640 15.67 18.05 6.59
CA ALA A 640 14.71 18.16 5.56
C ALA A 640 14.15 16.78 5.81
N LEU A 641 12.94 16.50 5.38
CA LEU A 641 12.25 17.33 4.42
C LEU A 641 11.91 18.62 5.11
N GLU A 642 11.58 19.57 4.27
CA GLU A 642 11.27 20.91 4.65
C GLU A 642 10.14 20.84 5.64
N LEU A 643 9.33 19.82 5.53
CA LEU A 643 8.04 19.83 6.14
C LEU A 643 8.12 20.12 7.62
N GLN A 644 7.20 20.96 8.00
CA GLN A 644 6.80 21.27 9.37
C GLN A 644 5.28 21.42 9.38
N LEU A 645 4.64 21.02 10.48
CA LEU A 645 3.18 21.02 10.53
C LEU A 645 2.64 22.04 11.52
N GLN A 646 1.50 22.64 11.18
CA GLN A 646 0.85 23.61 12.05
C GLN A 646 0.09 22.89 13.16
N VAL A 647 -0.01 21.58 13.05
CA VAL A 647 -0.73 20.76 14.02
C VAL A 647 0.14 19.61 14.48
N PRO A 648 0.11 19.29 15.79
CA PRO A 648 0.83 18.13 16.31
C PRO A 648 0.16 16.82 15.92
N LEU A 649 0.96 15.76 15.73
CA LEU A 649 0.40 14.46 15.38
C LEU A 649 0.20 13.58 16.61
N LYS A 650 -1.06 13.26 16.92
CA LYS A 650 -1.37 12.41 18.05
C LYS A 650 -1.42 10.95 17.59
N VAL A 651 -0.64 10.10 18.27
CA VAL A 651 -0.60 8.68 17.91
C VAL A 651 -1.35 7.83 18.95
N SER A 652 -2.24 6.98 18.46
CA SER A 652 -3.01 6.09 19.33
C SER A 652 -2.46 4.67 19.28
N LEU A 653 -1.89 4.21 20.38
CA LEU A 653 -1.32 2.87 20.45
C LEU A 653 -2.34 1.88 21.02
N SER A 654 -2.33 0.66 20.47
CA SER A 654 -3.18 -0.41 20.95
C SER A 654 -2.37 -1.70 20.94
N ALA A 655 -2.82 -2.70 21.70
CA ALA A 655 -2.11 -3.96 21.78
C ALA A 655 -3.07 -5.12 21.99
N GLY A 656 -2.70 -6.31 21.51
CA GLY A 656 -3.53 -7.48 21.73
C GLY A 656 -3.06 -8.71 20.98
N ARG A 657 -3.54 -9.88 21.40
CA ARG A 657 -3.13 -11.14 20.79
C ARG A 657 -3.86 -11.38 19.48
N SER A 658 -4.84 -10.53 19.19
CA SER A 658 -5.63 -10.65 17.96
C SER A 658 -5.88 -9.26 17.37
N TRP A 659 -5.85 -9.18 16.04
CA TRP A 659 -6.08 -7.91 15.35
C TRP A 659 -7.49 -7.41 15.62
N GLY A 660 -8.41 -8.34 15.85
CA GLY A 660 -9.79 -8.01 16.16
C GLY A 660 -9.96 -7.38 17.53
N HIS A 661 -9.28 -7.94 18.52
CA HIS A 661 -9.36 -7.39 19.87
C HIS A 661 -8.04 -6.75 20.28
N LEU A 662 -8.03 -5.42 20.30
CA LEU A 662 -6.85 -4.67 20.73
C LEU A 662 -7.24 -3.70 21.82
N VAL A 663 -6.74 -3.93 23.03
CA VAL A 663 -7.03 -3.02 24.13
C VAL A 663 -6.15 -1.78 24.01
N PRO A 664 -6.72 -0.60 24.31
CA PRO A 664 -5.92 0.63 24.27
C PRO A 664 -4.75 0.54 25.25
N LEU A 665 -3.69 1.29 24.96
CA LEU A 665 -2.48 1.25 25.78
C LEU A 665 -2.04 2.67 26.11
N GLN A 666 -1.47 2.85 27.29
CA GLN A 666 -0.96 4.15 27.75
C GLN A 666 -2.04 5.24 27.78
O1 MES D . 22.82 -0.36 -0.02
C2 MES D . 22.47 -0.25 -1.39
C3 MES D . 23.40 0.71 -2.13
N4 MES D . 23.53 1.93 -1.34
C5 MES D . 23.82 1.83 0.09
C6 MES D . 22.77 0.88 0.66
C7 MES D . 24.06 3.09 -2.03
C8 MES D . 23.46 4.28 -1.29
S MES D . 23.94 5.70 -2.01
O1S MES D . 23.32 5.80 -3.35
O2S MES D . 25.42 5.71 -2.14
O3S MES D . 23.50 6.83 -1.17
NA NA E . 28.89 -27.77 -9.03
#